data_4EOH
#
_entry.id   4EOH
#
_cell.length_a   92.302
_cell.length_b   115.848
_cell.length_c   171.904
_cell.angle_alpha   90.000
_cell.angle_beta   90.000
_cell.angle_gamma   90.000
#
_symmetry.space_group_name_H-M   'I 2 2 2'
#
loop_
_entity.id
_entity.type
_entity.pdbx_description
1 polymer 'Pyridoxal Kinase'
2 non-polymer 'SODIUM ION'
3 non-polymer THEOPHYLLINE
4 non-polymer (4S)-2-METHYL-2,4-PENTANEDIOL
5 non-polymer 'SULFATE ION'
6 water water
#
_entity_poly.entity_id   1
_entity_poly.type   'polypeptide(L)'
_entity_poly.pdbx_seq_one_letter_code
;MEEECRVLSIQSHVIRGYVGNRAATFPLQVLGFEIDAVNSVQFSNHTGYAHWKGQVLNSDELQELYEGLRLNNMNKYDYV
LTGYTRDKSFLAMVVDIVQELKQQNPRLVYVCDPVLGDKWDGEGSMYVPEDLLPVYKEKVVPLADIITPNQFEAELLSGR
KIHSQEEALRVMDMLHSMGPDTVVITSSDLPSPQGSNYLIVLGSQRRRNPAGSVVMERIRMDIRKVDAVFVGTGDLFAAM
LLAWTHKHPNNLKVACEKTVSTLHHVLQRTIQCAKAQAGEGVRPSPMQLELRMVQSKRDIEDPEIVVQATVL
;
_entity_poly.pdbx_strand_id   A,B
#
loop_
_chem_comp.id
_chem_comp.type
_chem_comp.name
_chem_comp.formula
MPD non-polymer (4S)-2-METHYL-2,4-PENTANEDIOL 'C6 H14 O2'
NA non-polymer 'SODIUM ION' 'Na 1'
SO4 non-polymer 'SULFATE ION' 'O4 S -2'
TEP non-polymer THEOPHYLLINE 'C7 H8 N4 O2'
#
# COMPACT_ATOMS: atom_id res chain seq x y z
N GLU A 4 -13.34 1.20 -14.52
CA GLU A 4 -12.46 0.52 -13.52
C GLU A 4 -13.23 -0.32 -12.51
N CYS A 5 -12.53 -1.30 -11.94
CA CYS A 5 -13.10 -2.19 -10.95
C CYS A 5 -12.60 -1.76 -9.58
N ARG A 6 -13.49 -1.17 -8.79
CA ARG A 6 -13.14 -0.68 -7.47
C ARG A 6 -13.41 -1.68 -6.37
N VAL A 7 -12.48 -1.76 -5.43
CA VAL A 7 -12.56 -2.67 -4.31
C VAL A 7 -12.34 -1.92 -3.00
N LEU A 8 -13.25 -2.09 -2.05
CA LEU A 8 -13.11 -1.48 -0.73
C LEU A 8 -12.70 -2.61 0.20
N SER A 9 -11.45 -2.57 0.66
CA SER A 9 -10.91 -3.60 1.53
C SER A 9 -10.71 -3.09 2.94
N ILE A 10 -11.51 -3.62 3.87
CA ILE A 10 -11.42 -3.20 5.25
C ILE A 10 -10.66 -4.25 6.05
N GLN A 11 -9.36 -4.00 6.25
CA GLN A 11 -8.52 -4.94 6.96
C GLN A 11 -7.40 -4.29 7.74
N SER A 12 -6.66 -5.11 8.46
CA SER A 12 -5.55 -4.65 9.26
C SER A 12 -4.37 -4.13 8.45
N HIS A 13 -3.63 -3.22 9.07
CA HIS A 13 -2.42 -2.68 8.45
C HIS A 13 -1.28 -2.87 9.42
N VAL A 14 -0.12 -3.22 8.90
CA VAL A 14 1.08 -3.37 9.70
C VAL A 14 2.15 -2.55 8.99
N ILE A 15 3.12 -2.05 9.74
CA ILE A 15 4.21 -1.27 9.14
C ILE A 15 5.19 -2.22 8.49
N ARG A 16 5.66 -3.19 9.26
CA ARG A 16 6.58 -4.20 8.77
C ARG A 16 5.82 -5.50 8.54
N GLY A 17 5.98 -6.09 7.36
CA GLY A 17 5.33 -7.34 7.08
C GLY A 17 4.12 -7.29 6.17
N TYR A 18 3.53 -8.46 5.93
CA TYR A 18 2.39 -8.60 5.07
C TYR A 18 1.24 -9.44 5.62
N VAL A 19 0.20 -8.75 6.12
CA VAL A 19 -1.00 -9.38 6.64
C VAL A 19 -2.12 -8.39 6.38
N GLY A 20 -3.35 -8.88 6.37
CA GLY A 20 -4.48 -7.99 6.13
C GLY A 20 -4.31 -7.20 4.84
N ASN A 21 -4.53 -5.90 4.91
CA ASN A 21 -4.42 -5.04 3.74
C ASN A 21 -3.02 -5.04 3.12
N ARG A 22 -1.99 -5.29 3.93
CA ARG A 22 -0.63 -5.34 3.39
C ARG A 22 -0.49 -6.55 2.47
N ALA A 23 -1.24 -7.61 2.75
CA ALA A 23 -1.18 -8.80 1.92
C ALA A 23 -2.10 -8.74 0.72
N ALA A 24 -3.17 -7.95 0.82
CA ALA A 24 -4.14 -7.90 -0.27
C ALA A 24 -4.06 -6.75 -1.26
N THR A 25 -3.48 -5.63 -0.83
CA THR A 25 -3.40 -4.45 -1.69
C THR A 25 -2.43 -4.52 -2.87
N PHE A 26 -1.14 -4.71 -2.58
CA PHE A 26 -0.17 -4.77 -3.66
C PHE A 26 -0.60 -5.72 -4.78
N PRO A 27 -0.90 -7.00 -4.44
CA PRO A 27 -1.31 -7.93 -5.49
C PRO A 27 -2.51 -7.49 -6.33
N LEU A 28 -3.52 -6.92 -5.68
CA LEU A 28 -4.70 -6.45 -6.40
C LEU A 28 -4.36 -5.21 -7.25
N GLN A 29 -3.43 -4.39 -6.78
CA GLN A 29 -3.02 -3.21 -7.57
C GLN A 29 -2.25 -3.70 -8.79
N VAL A 30 -1.33 -4.65 -8.57
CA VAL A 30 -0.54 -5.23 -9.65
C VAL A 30 -1.48 -5.79 -10.71
N LEU A 31 -2.60 -6.37 -10.26
CA LEU A 31 -3.56 -6.93 -11.19
C LEU A 31 -4.51 -5.90 -11.80
N GLY A 32 -4.32 -4.63 -11.48
CA GLY A 32 -5.16 -3.59 -12.07
C GLY A 32 -6.43 -3.16 -11.37
N PHE A 33 -6.66 -3.63 -10.15
CA PHE A 33 -7.87 -3.22 -9.44
C PHE A 33 -7.65 -1.90 -8.71
N GLU A 34 -8.67 -1.05 -8.71
CA GLU A 34 -8.57 0.20 -7.96
C GLU A 34 -8.99 -0.16 -6.55
N ILE A 35 -8.06 -0.72 -5.77
CA ILE A 35 -8.38 -1.09 -4.40
C ILE A 35 -8.09 0.02 -3.39
N ASP A 36 -9.13 0.33 -2.61
CA ASP A 36 -9.08 1.35 -1.57
C ASP A 36 -8.97 0.60 -0.27
N ALA A 37 -7.99 1.00 0.54
CA ALA A 37 -7.73 0.33 1.80
C ALA A 37 -8.15 1.08 3.05
N VAL A 38 -9.02 0.47 3.84
CA VAL A 38 -9.47 1.05 5.10
C VAL A 38 -8.72 0.19 6.11
N ASN A 39 -7.80 0.81 6.85
CA ASN A 39 -7.01 0.07 7.81
C ASN A 39 -7.73 -0.03 9.14
N SER A 40 -8.24 -1.23 9.45
CA SER A 40 -8.97 -1.47 10.70
C SER A 40 -8.06 -1.31 11.90
N VAL A 41 -6.76 -1.52 11.69
CA VAL A 41 -5.75 -1.31 12.75
C VAL A 41 -4.43 -0.92 12.09
N GLN A 42 -3.53 -0.34 12.87
CA GLN A 42 -2.21 0.01 12.39
C GLN A 42 -1.22 -0.44 13.46
N PHE A 43 -0.61 -1.59 13.23
CA PHE A 43 0.35 -2.19 14.15
C PHE A 43 1.74 -2.17 13.52
N SER A 44 2.76 -2.25 14.36
CA SER A 44 4.13 -2.25 13.89
C SER A 44 4.43 -3.53 13.12
N ASN A 45 3.70 -4.59 13.45
CA ASN A 45 3.87 -5.91 12.82
C ASN A 45 2.77 -6.83 13.35
N HIS A 46 2.62 -8.02 12.76
CA HIS A 46 1.56 -8.92 13.22
C HIS A 46 1.80 -9.48 14.62
N THR A 47 0.75 -10.02 15.21
CA THR A 47 0.82 -10.53 16.58
C THR A 47 1.56 -11.87 16.78
N GLY A 48 2.21 -12.34 15.73
CA GLY A 48 2.97 -13.58 15.82
C GLY A 48 4.39 -13.34 16.34
N TYR A 49 4.80 -12.07 16.37
CA TYR A 49 6.13 -11.73 16.87
C TYR A 49 6.12 -11.63 18.39
N ALA A 50 7.30 -11.63 19.00
CA ALA A 50 7.40 -11.52 20.45
C ALA A 50 6.80 -10.21 20.94
N HIS A 51 6.88 -9.19 20.08
CA HIS A 51 6.34 -7.88 20.44
C HIS A 51 5.51 -7.25 19.32
N TRP A 52 4.69 -6.29 19.71
CA TRP A 52 3.87 -5.54 18.77
C TRP A 52 3.16 -4.40 19.48
N LYS A 53 3.01 -3.28 18.78
CA LYS A 53 2.35 -2.10 19.33
C LYS A 53 1.50 -1.53 18.21
N GLY A 54 0.53 -0.69 18.54
CA GLY A 54 -0.31 -0.09 17.51
C GLY A 54 -1.65 0.42 18.02
N GLN A 55 -2.45 0.95 17.12
CA GLN A 55 -3.76 1.47 17.50
C GLN A 55 -4.85 0.77 16.69
N VAL A 56 -6.08 0.84 17.18
CA VAL A 56 -7.20 0.21 16.51
C VAL A 56 -8.23 1.24 16.07
N LEU A 57 -8.84 0.97 14.94
CA LEU A 57 -9.86 1.85 14.39
C LEU A 57 -11.16 1.40 15.07
N ASN A 58 -11.92 2.33 15.66
CA ASN A 58 -13.18 1.93 16.29
C ASN A 58 -14.31 2.11 15.30
N SER A 59 -15.49 1.56 15.62
CA SER A 59 -16.63 1.63 14.73
C SER A 59 -17.10 3.05 14.38
N ASP A 60 -16.86 4.00 15.27
CA ASP A 60 -17.27 5.38 14.99
C ASP A 60 -16.36 5.97 13.92
N GLU A 61 -15.07 5.64 14.02
CA GLU A 61 -14.09 6.14 13.06
C GLU A 61 -14.33 5.54 11.68
N LEU A 62 -14.74 4.27 11.64
CA LEU A 62 -15.03 3.62 10.37
C LEU A 62 -16.21 4.33 9.72
N GLN A 63 -17.22 4.66 10.52
CA GLN A 63 -18.41 5.33 10.01
C GLN A 63 -18.09 6.71 9.45
N GLU A 64 -17.26 7.48 10.14
CA GLU A 64 -16.93 8.81 9.64
C GLU A 64 -16.12 8.72 8.34
N LEU A 65 -15.21 7.74 8.26
CA LEU A 65 -14.41 7.57 7.05
C LEU A 65 -15.36 7.27 5.89
N TYR A 66 -16.38 6.46 6.17
CA TYR A 66 -17.36 6.10 5.15
C TYR A 66 -18.19 7.33 4.80
N GLU A 67 -18.48 8.16 5.80
CA GLU A 67 -19.25 9.37 5.57
C GLU A 67 -18.54 10.27 4.57
N GLY A 68 -17.21 10.32 4.67
CA GLY A 68 -16.44 11.14 3.75
C GLY A 68 -16.66 10.65 2.33
N LEU A 69 -16.62 9.34 2.14
CA LEU A 69 -16.81 8.78 0.81
C LEU A 69 -18.22 9.05 0.34
N ARG A 70 -19.20 8.82 1.21
CA ARG A 70 -20.60 9.05 0.83
C ARG A 70 -20.82 10.50 0.43
N LEU A 71 -20.37 11.44 1.26
CA LEU A 71 -20.54 12.86 0.97
C LEU A 71 -19.99 13.24 -0.40
N ASN A 72 -18.90 12.61 -0.84
CA ASN A 72 -18.32 12.92 -2.14
C ASN A 72 -18.87 12.03 -3.25
N ASN A 73 -19.85 11.20 -2.90
CA ASN A 73 -20.44 10.28 -3.86
C ASN A 73 -19.43 9.28 -4.37
N MET A 74 -18.51 8.89 -3.51
CA MET A 74 -17.49 7.91 -3.88
C MET A 74 -17.81 6.57 -3.23
N ASN A 75 -19.08 6.38 -2.89
CA ASN A 75 -19.52 5.14 -2.25
C ASN A 75 -20.11 4.19 -3.29
N LYS A 76 -19.36 3.98 -4.37
CA LYS A 76 -19.77 3.09 -5.45
C LYS A 76 -18.64 2.10 -5.68
N TYR A 77 -18.80 0.88 -5.18
CA TYR A 77 -17.78 -0.15 -5.33
C TYR A 77 -18.32 -1.41 -6.01
N ASP A 78 -17.42 -2.09 -6.72
CA ASP A 78 -17.76 -3.32 -7.42
C ASP A 78 -17.54 -4.49 -6.49
N TYR A 79 -16.65 -4.30 -5.52
CA TYR A 79 -16.33 -5.34 -4.55
C TYR A 79 -16.04 -4.77 -3.18
N VAL A 80 -16.26 -5.59 -2.17
CA VAL A 80 -15.95 -5.24 -0.80
C VAL A 80 -15.17 -6.46 -0.32
N LEU A 81 -14.13 -6.24 0.45
CA LEU A 81 -13.30 -7.34 0.92
C LEU A 81 -13.01 -7.18 2.42
N THR A 82 -13.31 -8.23 3.19
CA THR A 82 -13.05 -8.20 4.63
C THR A 82 -12.44 -9.51 5.11
N GLY A 83 -11.77 -9.44 6.24
CA GLY A 83 -11.15 -10.62 6.80
C GLY A 83 -11.18 -10.59 8.33
N TYR A 84 -10.01 -10.73 8.93
CA TYR A 84 -9.92 -10.77 10.36
C TYR A 84 -10.50 -9.53 10.99
N THR A 85 -11.53 -9.73 11.79
CA THR A 85 -12.16 -8.64 12.50
C THR A 85 -12.26 -9.16 13.94
N ARG A 86 -12.12 -8.28 14.91
CA ARG A 86 -12.15 -8.71 16.28
C ARG A 86 -13.29 -8.17 17.11
N ASP A 87 -13.82 -6.99 16.76
CA ASP A 87 -14.93 -6.43 17.52
C ASP A 87 -16.28 -6.63 16.89
N LYS A 88 -17.21 -6.85 17.80
CA LYS A 88 -18.58 -7.00 17.46
C LYS A 88 -19.09 -5.69 16.83
N SER A 89 -18.89 -4.55 17.49
CA SER A 89 -19.39 -3.27 16.95
C SER A 89 -18.78 -2.90 15.59
N PHE A 90 -17.49 -3.20 15.42
CA PHE A 90 -16.81 -2.89 14.16
C PHE A 90 -17.42 -3.71 13.03
N LEU A 91 -17.56 -5.00 13.27
CA LEU A 91 -18.14 -5.89 12.27
C LEU A 91 -19.58 -5.46 11.95
N ALA A 92 -20.32 -5.07 13.00
CA ALA A 92 -21.69 -4.62 12.81
C ALA A 92 -21.69 -3.39 11.90
N MET A 93 -20.74 -2.49 12.13
CA MET A 93 -20.62 -1.29 11.31
C MET A 93 -20.31 -1.70 9.86
N VAL A 94 -19.47 -2.72 9.73
CA VAL A 94 -19.09 -3.22 8.41
C VAL A 94 -20.31 -3.72 7.61
N VAL A 95 -21.20 -4.47 8.25
CA VAL A 95 -22.38 -4.97 7.52
C VAL A 95 -23.29 -3.81 7.13
N ASP A 96 -23.46 -2.83 8.02
CA ASP A 96 -24.31 -1.69 7.68
C ASP A 96 -23.77 -1.01 6.42
N ILE A 97 -22.45 -0.91 6.32
CA ILE A 97 -21.82 -0.28 5.16
C ILE A 97 -22.02 -1.13 3.90
N VAL A 98 -21.75 -2.43 3.99
CA VAL A 98 -21.93 -3.29 2.83
C VAL A 98 -23.40 -3.18 2.42
N GLN A 99 -24.27 -3.15 3.43
CA GLN A 99 -25.70 -3.02 3.23
C GLN A 99 -25.97 -1.83 2.30
N GLU A 100 -25.49 -0.66 2.69
CA GLU A 100 -25.71 0.53 1.87
C GLU A 100 -24.99 0.47 0.53
N LEU A 101 -23.74 0.01 0.52
CA LEU A 101 -23.00 -0.09 -0.74
C LEU A 101 -23.76 -0.99 -1.71
N LYS A 102 -24.43 -2.01 -1.17
CA LYS A 102 -25.20 -2.91 -2.00
C LYS A 102 -26.46 -2.19 -2.49
N GLN A 103 -27.01 -1.34 -1.64
CA GLN A 103 -28.19 -0.57 -2.02
C GLN A 103 -27.75 0.35 -3.16
N GLN A 104 -26.57 0.95 -3.00
CA GLN A 104 -26.02 1.85 -4.01
C GLN A 104 -25.69 1.11 -5.30
N ASN A 105 -25.15 -0.10 -5.18
CA ASN A 105 -24.83 -0.90 -6.36
C ASN A 105 -25.24 -2.36 -6.16
N PRO A 106 -26.42 -2.73 -6.66
CA PRO A 106 -26.97 -4.09 -6.55
C PRO A 106 -26.02 -5.20 -6.99
N ARG A 107 -25.15 -4.91 -7.95
CA ARG A 107 -24.21 -5.91 -8.47
C ARG A 107 -22.93 -6.07 -7.64
N LEU A 108 -22.84 -5.34 -6.54
CA LEU A 108 -21.64 -5.41 -5.71
C LEU A 108 -21.39 -6.82 -5.17
N VAL A 109 -20.16 -7.31 -5.35
CA VAL A 109 -19.79 -8.63 -4.85
C VAL A 109 -19.00 -8.48 -3.57
N TYR A 110 -19.50 -9.08 -2.50
CA TYR A 110 -18.85 -9.01 -1.20
C TYR A 110 -18.05 -10.27 -0.90
N VAL A 111 -16.73 -10.15 -0.92
CA VAL A 111 -15.84 -11.27 -0.64
C VAL A 111 -15.54 -11.22 0.85
N CYS A 112 -15.94 -12.27 1.55
CA CYS A 112 -15.74 -12.32 2.99
C CYS A 112 -14.95 -13.53 3.45
N ASP A 113 -13.90 -13.26 4.23
CA ASP A 113 -13.10 -14.32 4.79
C ASP A 113 -13.52 -14.31 6.26
N PRO A 114 -14.37 -15.27 6.68
CA PRO A 114 -14.91 -15.43 8.04
C PRO A 114 -13.89 -15.90 9.07
N VAL A 115 -12.89 -15.09 9.34
CA VAL A 115 -11.86 -15.49 10.32
C VAL A 115 -12.48 -15.68 11.70
N LEU A 116 -12.43 -16.90 12.20
CA LEU A 116 -12.98 -17.23 13.52
C LEU A 116 -11.96 -18.05 14.31
N GLY A 117 -11.31 -19.00 13.64
CA GLY A 117 -10.33 -19.81 14.31
C GLY A 117 -9.79 -20.90 13.42
N ASP A 118 -9.20 -21.94 14.01
CA ASP A 118 -8.65 -23.04 13.23
C ASP A 118 -8.41 -24.24 14.14
N LYS A 119 -8.21 -25.40 13.53
CA LYS A 119 -7.95 -26.62 14.28
C LYS A 119 -6.56 -27.17 13.97
N TRP A 120 -5.68 -27.12 14.96
CA TRP A 120 -4.32 -27.62 14.80
C TRP A 120 -4.32 -29.14 14.77
N ASP A 121 -3.91 -29.77 15.87
CA ASP A 121 -3.89 -31.22 15.93
C ASP A 121 -5.27 -31.77 15.58
N GLY A 122 -6.22 -31.57 16.48
CA GLY A 122 -7.57 -32.04 16.24
C GLY A 122 -8.57 -31.09 16.87
N GLU A 123 -8.23 -30.61 18.06
CA GLU A 123 -9.08 -29.67 18.78
C GLU A 123 -9.15 -28.33 18.05
N GLY A 124 -10.23 -27.60 18.29
CA GLY A 124 -10.41 -26.31 17.66
C GLY A 124 -10.08 -25.16 18.58
N SER A 125 -9.31 -24.21 18.07
CA SER A 125 -8.95 -23.03 18.83
C SER A 125 -9.58 -21.82 18.15
N MET A 126 -10.09 -20.92 18.97
CA MET A 126 -10.74 -19.70 18.49
C MET A 126 -9.78 -18.50 18.43
N TYR A 127 -9.89 -17.68 17.40
CA TYR A 127 -9.03 -16.51 17.26
C TYR A 127 -9.75 -15.22 17.63
N VAL A 128 -11.08 -15.28 17.74
CA VAL A 128 -11.87 -14.10 18.07
C VAL A 128 -12.90 -14.41 19.15
N PRO A 129 -13.38 -13.37 19.84
CA PRO A 129 -14.39 -13.55 20.89
C PRO A 129 -15.58 -14.29 20.28
N GLU A 130 -16.13 -15.24 21.02
CA GLU A 130 -17.26 -16.02 20.51
C GLU A 130 -18.54 -15.21 20.32
N ASP A 131 -18.53 -13.95 20.73
CA ASP A 131 -19.71 -13.11 20.58
C ASP A 131 -19.84 -12.62 19.13
N LEU A 132 -18.89 -13.00 18.28
CA LEU A 132 -18.89 -12.62 16.87
C LEU A 132 -19.57 -13.66 15.99
N LEU A 133 -19.49 -14.92 16.41
CA LEU A 133 -20.10 -16.00 15.66
C LEU A 133 -21.54 -15.71 15.27
N PRO A 134 -22.36 -15.26 16.24
CA PRO A 134 -23.77 -14.96 15.92
C PRO A 134 -23.89 -13.88 14.83
N VAL A 135 -23.00 -12.88 14.91
CA VAL A 135 -23.00 -11.81 13.93
C VAL A 135 -22.66 -12.35 12.54
N TYR A 136 -21.64 -13.20 12.46
CA TYR A 136 -21.26 -13.77 11.19
C TYR A 136 -22.40 -14.60 10.60
N LYS A 137 -22.98 -15.48 11.41
CA LYS A 137 -24.08 -16.33 10.98
C LYS A 137 -25.32 -15.55 10.54
N GLU A 138 -25.76 -14.65 11.40
CA GLU A 138 -26.97 -13.89 11.15
C GLU A 138 -26.92 -12.65 10.26
N LYS A 139 -25.79 -11.97 10.19
CA LYS A 139 -25.73 -10.75 9.39
C LYS A 139 -24.64 -10.70 8.32
N VAL A 140 -23.45 -11.20 8.66
CA VAL A 140 -22.35 -11.18 7.69
C VAL A 140 -22.56 -12.15 6.54
N VAL A 141 -22.47 -13.45 6.83
CA VAL A 141 -22.66 -14.47 5.80
C VAL A 141 -23.86 -14.26 4.88
N PRO A 142 -25.02 -13.92 5.45
CA PRO A 142 -26.21 -13.69 4.60
C PRO A 142 -25.97 -12.60 3.55
N LEU A 143 -25.06 -11.69 3.86
CA LEU A 143 -24.71 -10.59 2.96
C LEU A 143 -23.60 -10.93 1.97
N ALA A 144 -22.73 -11.86 2.36
CA ALA A 144 -21.60 -12.26 1.53
C ALA A 144 -21.96 -13.00 0.25
N ASP A 145 -21.13 -12.84 -0.77
CA ASP A 145 -21.34 -13.50 -2.05
C ASP A 145 -20.28 -14.57 -2.27
N ILE A 146 -19.14 -14.38 -1.60
CA ILE A 146 -18.02 -15.31 -1.69
C ILE A 146 -17.44 -15.40 -0.30
N ILE A 147 -17.27 -16.63 0.20
CA ILE A 147 -16.70 -16.80 1.53
C ILE A 147 -15.61 -17.84 1.44
N THR A 148 -14.60 -17.70 2.30
CA THR A 148 -13.45 -18.60 2.27
C THR A 148 -13.12 -19.15 3.65
N PRO A 149 -14.03 -19.91 4.25
CA PRO A 149 -13.71 -20.44 5.59
C PRO A 149 -12.82 -21.68 5.49
N ASN A 150 -12.06 -21.93 6.54
CA ASN A 150 -11.26 -23.16 6.56
C ASN A 150 -12.28 -24.20 7.04
N GLN A 151 -11.87 -25.44 7.29
CA GLN A 151 -12.81 -26.45 7.75
C GLN A 151 -13.49 -26.08 9.06
N PHE A 152 -12.68 -25.71 10.06
CA PHE A 152 -13.20 -25.32 11.37
C PHE A 152 -14.28 -24.25 11.27
N GLU A 153 -14.00 -23.16 10.57
CA GLU A 153 -14.96 -22.06 10.42
C GLU A 153 -16.23 -22.50 9.71
N ALA A 154 -16.11 -23.40 8.74
CA ALA A 154 -17.29 -23.88 8.03
C ALA A 154 -18.20 -24.64 9.00
N GLU A 155 -17.58 -25.42 9.88
CA GLU A 155 -18.32 -26.20 10.86
C GLU A 155 -19.08 -25.28 11.81
N LEU A 156 -18.40 -24.24 12.29
CA LEU A 156 -19.00 -23.28 13.20
C LEU A 156 -20.15 -22.49 12.56
N LEU A 157 -19.97 -22.10 11.32
CA LEU A 157 -20.99 -21.33 10.61
C LEU A 157 -22.24 -22.16 10.31
N SER A 158 -22.05 -23.42 9.98
CA SER A 158 -23.17 -24.31 9.66
C SER A 158 -23.70 -25.03 10.89
N GLY A 159 -22.85 -25.14 11.91
CA GLY A 159 -23.23 -25.83 13.13
C GLY A 159 -23.22 -27.33 12.94
N ARG A 160 -22.55 -27.79 11.88
CA ARG A 160 -22.47 -29.22 11.58
C ARG A 160 -21.01 -29.64 11.41
N LYS A 161 -20.65 -30.79 11.97
CA LYS A 161 -19.29 -31.28 11.85
C LYS A 161 -19.03 -31.93 10.51
N ILE A 162 -17.76 -31.96 10.12
CA ILE A 162 -17.34 -32.54 8.86
C ILE A 162 -16.31 -33.64 9.13
N HIS A 163 -16.53 -34.81 8.56
CA HIS A 163 -15.62 -35.94 8.74
C HIS A 163 -15.17 -36.45 7.39
N SER A 164 -15.86 -36.00 6.34
CA SER A 164 -15.55 -36.44 5.00
C SER A 164 -15.84 -35.38 3.94
N GLN A 165 -15.48 -35.70 2.70
CA GLN A 165 -15.69 -34.80 1.58
C GLN A 165 -17.17 -34.54 1.34
N GLU A 166 -17.99 -35.58 1.32
CA GLU A 166 -19.41 -35.37 1.07
C GLU A 166 -20.10 -34.61 2.21
N GLU A 167 -19.59 -34.73 3.43
CA GLU A 167 -20.18 -33.98 4.55
C GLU A 167 -19.76 -32.51 4.37
N ALA A 168 -18.57 -32.30 3.82
CA ALA A 168 -18.06 -30.95 3.58
C ALA A 168 -18.93 -30.27 2.54
N LEU A 169 -19.28 -31.01 1.49
CA LEU A 169 -20.12 -30.48 0.43
C LEU A 169 -21.52 -30.16 0.92
N ARG A 170 -22.04 -30.97 1.84
CA ARG A 170 -23.38 -30.71 2.37
C ARG A 170 -23.36 -29.45 3.22
N VAL A 171 -22.25 -29.24 3.94
CA VAL A 171 -22.13 -28.03 4.75
C VAL A 171 -22.03 -26.82 3.82
N MET A 172 -21.34 -26.98 2.69
CA MET A 172 -21.21 -25.90 1.74
C MET A 172 -22.57 -25.57 1.12
N ASP A 173 -23.41 -26.59 0.94
CA ASP A 173 -24.75 -26.36 0.39
C ASP A 173 -25.55 -25.56 1.41
N MET A 174 -25.30 -25.84 2.68
CA MET A 174 -25.97 -25.13 3.77
C MET A 174 -25.55 -23.66 3.78
N LEU A 175 -24.25 -23.42 3.60
CA LEU A 175 -23.73 -22.04 3.59
C LEU A 175 -24.31 -21.29 2.42
N HIS A 176 -24.46 -21.98 1.28
CA HIS A 176 -25.03 -21.38 0.09
C HIS A 176 -26.46 -20.91 0.38
N SER A 177 -27.23 -21.74 1.08
CA SER A 177 -28.60 -21.40 1.41
C SER A 177 -28.63 -20.19 2.33
N MET A 178 -27.59 -20.04 3.13
CA MET A 178 -27.49 -18.89 4.02
C MET A 178 -27.27 -17.63 3.19
N GLY A 179 -26.74 -17.78 1.97
CA GLY A 179 -26.52 -16.61 1.14
C GLY A 179 -25.47 -16.63 0.03
N PRO A 180 -24.17 -16.75 0.37
CA PRO A 180 -23.13 -16.75 -0.68
C PRO A 180 -23.26 -17.78 -1.78
N ASP A 181 -23.08 -17.32 -3.02
CA ASP A 181 -23.15 -18.18 -4.19
C ASP A 181 -21.82 -18.92 -4.40
N THR A 182 -20.76 -18.43 -3.78
CA THR A 182 -19.46 -19.08 -3.90
C THR A 182 -18.89 -19.41 -2.55
N VAL A 183 -18.53 -20.67 -2.36
CA VAL A 183 -17.97 -21.13 -1.10
C VAL A 183 -16.74 -21.97 -1.38
N VAL A 184 -15.66 -21.65 -0.67
CA VAL A 184 -14.40 -22.37 -0.82
C VAL A 184 -13.84 -22.71 0.55
N ILE A 185 -13.63 -24.00 0.77
CA ILE A 185 -13.05 -24.47 2.02
C ILE A 185 -11.56 -24.53 1.71
N THR A 186 -10.87 -23.47 2.16
CA THR A 186 -9.44 -23.27 1.92
C THR A 186 -8.48 -24.27 2.55
N SER A 187 -8.91 -24.89 3.65
CA SER A 187 -8.05 -25.86 4.32
C SER A 187 -8.92 -26.83 5.09
N SER A 188 -8.51 -28.10 5.13
CA SER A 188 -9.28 -29.13 5.84
C SER A 188 -8.41 -30.27 6.33
N ASP A 189 -8.96 -31.07 7.24
CA ASP A 189 -8.25 -32.22 7.80
C ASP A 189 -8.57 -33.48 7.00
N LEU A 190 -9.20 -33.32 5.84
CA LEU A 190 -9.54 -34.45 5.00
C LEU A 190 -8.27 -35.06 4.39
N PRO A 191 -8.25 -36.39 4.24
CA PRO A 191 -7.11 -37.11 3.68
C PRO A 191 -7.08 -37.10 2.15
N SER A 192 -5.87 -37.14 1.58
CA SER A 192 -5.68 -37.14 0.15
C SER A 192 -4.84 -38.35 -0.27
N PRO A 193 -5.15 -38.95 -1.42
CA PRO A 193 -4.40 -40.11 -1.89
C PRO A 193 -2.96 -39.72 -2.28
N GLN A 194 -2.72 -38.42 -2.38
CA GLN A 194 -1.39 -37.92 -2.73
C GLN A 194 -0.41 -38.21 -1.61
N GLY A 195 -0.93 -38.44 -0.42
CA GLY A 195 -0.08 -38.73 0.72
C GLY A 195 -0.44 -37.93 1.96
N SER A 196 0.18 -38.29 3.07
CA SER A 196 -0.07 -37.63 4.34
C SER A 196 0.33 -36.15 4.37
N ASN A 197 1.19 -35.75 3.42
CA ASN A 197 1.67 -34.36 3.37
C ASN A 197 0.82 -33.47 2.47
N TYR A 198 -0.41 -33.87 2.23
CA TYR A 198 -1.33 -33.10 1.39
C TYR A 198 -2.63 -32.85 2.14
N LEU A 199 -3.30 -31.76 1.80
CA LEU A 199 -4.58 -31.43 2.40
C LEU A 199 -5.52 -31.23 1.24
N ILE A 200 -6.82 -31.30 1.51
CA ILE A 200 -7.80 -31.12 0.44
C ILE A 200 -8.50 -29.77 0.51
N VAL A 201 -8.73 -29.18 -0.67
CA VAL A 201 -9.41 -27.89 -0.78
C VAL A 201 -10.66 -28.13 -1.63
N LEU A 202 -11.79 -27.61 -1.17
CA LEU A 202 -13.05 -27.79 -1.88
C LEU A 202 -13.72 -26.47 -2.22
N GLY A 203 -14.27 -26.39 -3.43
CA GLY A 203 -14.94 -25.18 -3.86
C GLY A 203 -16.28 -25.47 -4.50
N SER A 204 -17.25 -24.59 -4.27
CA SER A 204 -18.58 -24.76 -4.81
C SER A 204 -19.16 -23.42 -5.25
N GLN A 205 -19.67 -23.36 -6.48
CA GLN A 205 -20.22 -22.10 -6.98
C GLN A 205 -21.58 -22.31 -7.63
N ARG A 206 -22.54 -21.47 -7.21
CA ARG A 206 -23.90 -21.53 -7.72
C ARG A 206 -24.13 -20.36 -8.68
N ARG A 207 -24.78 -20.64 -9.81
CA ARG A 207 -25.05 -19.59 -10.78
C ARG A 207 -26.10 -20.02 -11.80
N VAL A 214 -30.86 -23.13 -12.08
CA VAL A 214 -29.61 -22.93 -11.28
C VAL A 214 -28.61 -24.06 -11.51
N VAL A 215 -27.37 -23.69 -11.78
CA VAL A 215 -26.31 -24.67 -12.01
C VAL A 215 -25.27 -24.60 -10.89
N MET A 216 -24.66 -25.73 -10.58
CA MET A 216 -23.65 -25.82 -9.53
C MET A 216 -22.32 -26.35 -10.06
N GLU A 217 -21.22 -25.74 -9.65
CA GLU A 217 -19.90 -26.21 -10.06
C GLU A 217 -19.14 -26.53 -8.78
N ARG A 218 -18.66 -27.76 -8.66
CA ARG A 218 -17.91 -28.17 -7.49
C ARG A 218 -16.55 -28.66 -7.94
N ILE A 219 -15.51 -28.28 -7.23
CA ILE A 219 -14.16 -28.67 -7.56
C ILE A 219 -13.39 -29.14 -6.35
N ARG A 220 -12.27 -29.81 -6.61
CA ARG A 220 -11.43 -30.33 -5.55
C ARG A 220 -9.96 -30.23 -5.94
N MET A 221 -9.12 -29.88 -4.97
CA MET A 221 -7.70 -29.75 -5.20
C MET A 221 -6.95 -30.37 -4.03
N ASP A 222 -5.90 -31.12 -4.36
CA ASP A 222 -5.08 -31.77 -3.36
C ASP A 222 -3.80 -30.97 -3.30
N ILE A 223 -3.61 -30.29 -2.17
CA ILE A 223 -2.46 -29.41 -2.00
C ILE A 223 -1.44 -29.88 -0.99
N ARG A 224 -0.17 -29.69 -1.35
CA ARG A 224 0.95 -30.07 -0.52
C ARG A 224 1.05 -29.12 0.67
N LYS A 225 1.42 -29.66 1.82
CA LYS A 225 1.55 -28.88 3.05
C LYS A 225 3.02 -28.50 3.30
N VAL A 226 3.24 -27.61 4.25
CA VAL A 226 4.59 -27.17 4.61
C VAL A 226 4.74 -27.07 6.13
N ASP A 227 5.86 -27.59 6.64
CA ASP A 227 6.13 -27.55 8.06
C ASP A 227 6.66 -26.19 8.46
N ALA A 228 5.82 -25.18 8.31
CA ALA A 228 6.16 -23.80 8.64
C ALA A 228 4.86 -23.00 8.72
N VAL A 229 4.81 -22.05 9.65
CA VAL A 229 3.61 -21.24 9.82
C VAL A 229 3.76 -19.85 9.21
N PHE A 230 2.94 -19.56 8.21
CA PHE A 230 2.97 -18.27 7.53
C PHE A 230 1.78 -17.44 7.96
N VAL A 231 1.95 -16.12 7.95
CA VAL A 231 0.86 -15.24 8.33
C VAL A 231 0.46 -14.42 7.10
N GLY A 232 -0.85 -14.26 6.90
CA GLY A 232 -1.33 -13.48 5.78
C GLY A 232 -1.75 -14.29 4.56
N THR A 233 -1.48 -15.59 4.58
CA THR A 233 -1.83 -16.45 3.45
C THR A 233 -3.34 -16.45 3.17
N GLY A 234 -4.15 -16.50 4.22
CA GLY A 234 -5.59 -16.49 4.02
C GLY A 234 -6.03 -15.16 3.41
N ASP A 235 -5.41 -14.08 3.87
CA ASP A 235 -5.72 -12.74 3.37
C ASP A 235 -5.40 -12.67 1.88
N LEU A 236 -4.23 -13.21 1.50
CA LEU A 236 -3.80 -13.22 0.10
C LEU A 236 -4.72 -14.10 -0.73
N PHE A 237 -5.11 -15.24 -0.16
CA PHE A 237 -5.99 -16.17 -0.87
C PHE A 237 -7.30 -15.50 -1.28
N ALA A 238 -7.93 -14.83 -0.32
CA ALA A 238 -9.19 -14.15 -0.57
C ALA A 238 -9.05 -13.08 -1.65
N ALA A 239 -7.96 -12.32 -1.58
CA ALA A 239 -7.70 -11.25 -2.54
C ALA A 239 -7.56 -11.81 -3.95
N MET A 240 -6.77 -12.87 -4.08
CA MET A 240 -6.54 -13.50 -5.36
C MET A 240 -7.80 -14.22 -5.88
N LEU A 241 -8.57 -14.81 -4.99
CA LEU A 241 -9.81 -15.48 -5.39
C LEU A 241 -10.72 -14.41 -5.98
N LEU A 242 -10.74 -13.25 -5.34
CA LEU A 242 -11.55 -12.13 -5.82
C LEU A 242 -11.08 -11.76 -7.22
N ALA A 243 -9.79 -11.53 -7.38
CA ALA A 243 -9.21 -11.15 -8.67
C ALA A 243 -9.51 -12.15 -9.78
N TRP A 244 -9.18 -13.42 -9.56
CA TRP A 244 -9.41 -14.43 -10.58
C TRP A 244 -10.85 -14.81 -10.85
N THR A 245 -11.71 -14.79 -9.83
CA THR A 245 -13.10 -15.11 -10.08
C THR A 245 -13.65 -13.94 -10.92
N HIS A 246 -13.04 -12.77 -10.76
CA HIS A 246 -13.47 -11.60 -11.54
C HIS A 246 -13.11 -11.77 -13.02
N LYS A 247 -11.92 -12.30 -13.30
CA LYS A 247 -11.46 -12.52 -14.67
C LYS A 247 -12.18 -13.73 -15.29
N HIS A 248 -12.45 -14.75 -14.49
CA HIS A 248 -13.12 -15.95 -14.97
C HIS A 248 -14.37 -16.21 -14.14
N PRO A 249 -15.40 -15.36 -14.30
CA PRO A 249 -16.68 -15.41 -13.58
C PRO A 249 -17.50 -16.72 -13.60
N ASN A 250 -17.40 -17.49 -14.66
CA ASN A 250 -18.16 -18.74 -14.73
C ASN A 250 -17.26 -19.97 -14.80
N ASN A 251 -16.12 -19.90 -14.12
CA ASN A 251 -15.17 -21.00 -14.12
C ASN A 251 -14.41 -21.06 -12.79
N LEU A 252 -15.05 -21.65 -11.79
CA LEU A 252 -14.45 -21.78 -10.46
C LEU A 252 -13.16 -22.60 -10.51
N LYS A 253 -13.11 -23.55 -11.44
CA LYS A 253 -11.94 -24.41 -11.60
C LYS A 253 -10.66 -23.61 -11.86
N VAL A 254 -10.67 -22.80 -12.91
CA VAL A 254 -9.50 -21.98 -13.25
C VAL A 254 -9.22 -20.88 -12.22
N ALA A 255 -10.27 -20.27 -11.70
CA ALA A 255 -10.10 -19.21 -10.72
C ALA A 255 -9.33 -19.76 -9.52
N CYS A 256 -9.68 -20.97 -9.10
CA CYS A 256 -9.01 -21.60 -7.96
C CYS A 256 -7.60 -22.09 -8.29
N GLU A 257 -7.37 -22.53 -9.52
CA GLU A 257 -6.04 -23.02 -9.90
C GLU A 257 -5.05 -21.85 -9.93
N LYS A 258 -5.48 -20.69 -10.45
CA LYS A 258 -4.63 -19.51 -10.50
C LYS A 258 -4.40 -18.97 -9.10
N THR A 259 -5.44 -18.98 -8.29
CA THR A 259 -5.36 -18.47 -6.93
C THR A 259 -4.36 -19.30 -6.13
N VAL A 260 -4.55 -20.62 -6.14
CA VAL A 260 -3.67 -21.52 -5.41
C VAL A 260 -2.26 -21.50 -6.01
N SER A 261 -2.16 -21.45 -7.33
CA SER A 261 -0.84 -21.41 -7.97
C SER A 261 -0.08 -20.15 -7.54
N THR A 262 -0.81 -19.05 -7.39
CA THR A 262 -0.19 -17.79 -6.98
C THR A 262 0.36 -17.93 -5.57
N LEU A 263 -0.42 -18.52 -4.67
CA LEU A 263 0.03 -18.70 -3.30
C LEU A 263 1.27 -19.58 -3.29
N HIS A 264 1.23 -20.66 -4.08
CA HIS A 264 2.35 -21.58 -4.14
C HIS A 264 3.65 -20.84 -4.45
N HIS A 265 3.63 -20.03 -5.51
CA HIS A 265 4.84 -19.29 -5.90
C HIS A 265 5.32 -18.35 -4.81
N VAL A 266 4.39 -17.66 -4.16
CA VAL A 266 4.77 -16.75 -3.09
C VAL A 266 5.37 -17.49 -1.90
N LEU A 267 4.71 -18.57 -1.46
CA LEU A 267 5.19 -19.35 -0.32
C LEU A 267 6.50 -20.07 -0.63
N GLN A 268 6.62 -20.56 -1.85
CA GLN A 268 7.82 -21.26 -2.29
C GLN A 268 9.01 -20.31 -2.18
N ARG A 269 8.85 -19.10 -2.74
CA ARG A 269 9.91 -18.10 -2.69
C ARG A 269 10.19 -17.69 -1.25
N THR A 270 9.12 -17.58 -0.45
CA THR A 270 9.24 -17.21 0.95
C THR A 270 10.04 -18.24 1.76
N ILE A 271 9.73 -19.51 1.56
CA ILE A 271 10.41 -20.58 2.29
C ILE A 271 11.90 -20.65 1.95
N GLN A 272 12.23 -20.49 0.67
CA GLN A 272 13.62 -20.54 0.27
C GLN A 272 14.44 -19.43 0.90
N CYS A 273 13.91 -18.21 0.90
CA CYS A 273 14.60 -17.07 1.48
C CYS A 273 14.71 -17.22 2.99
N ALA A 274 13.70 -17.81 3.61
CA ALA A 274 13.69 -17.99 5.06
C ALA A 274 14.82 -18.91 5.50
N LYS A 275 15.00 -20.01 4.78
CA LYS A 275 16.05 -20.96 5.10
C LYS A 275 17.42 -20.39 4.76
N ALA A 276 17.51 -19.64 3.67
CA ALA A 276 18.77 -19.05 3.26
C ALA A 276 19.28 -18.16 4.39
N GLN A 277 18.36 -17.40 5.01
CA GLN A 277 18.72 -16.52 6.11
C GLN A 277 18.98 -17.30 7.38
N ALA A 278 18.20 -18.36 7.59
CA ALA A 278 18.35 -19.21 8.75
C ALA A 278 18.91 -20.55 8.29
N GLY A 279 20.21 -20.74 8.50
CA GLY A 279 20.88 -21.98 8.11
C GLY A 279 20.04 -23.23 8.10
N GLU A 280 20.45 -24.21 7.30
CA GLU A 280 19.72 -25.47 7.21
C GLU A 280 19.57 -26.12 8.58
N GLY A 281 18.41 -26.73 8.80
CA GLY A 281 18.15 -27.37 10.08
C GLY A 281 17.55 -26.38 11.06
N VAL A 282 17.89 -25.11 10.88
CA VAL A 282 17.40 -24.04 11.74
C VAL A 282 15.97 -23.65 11.36
N ARG A 283 15.12 -23.51 12.37
CA ARG A 283 13.73 -23.12 12.16
C ARG A 283 13.65 -21.61 11.98
N PRO A 284 13.15 -21.15 10.84
CA PRO A 284 13.02 -19.72 10.54
C PRO A 284 12.15 -18.95 11.54
N SER A 285 12.47 -17.67 11.74
CA SER A 285 11.71 -16.84 12.66
C SER A 285 10.55 -16.20 11.91
N PRO A 286 9.61 -15.57 12.65
CA PRO A 286 8.46 -14.93 12.00
C PRO A 286 8.92 -13.85 11.03
N MET A 287 10.05 -13.22 11.34
CA MET A 287 10.58 -12.16 10.49
C MET A 287 11.04 -12.72 9.15
N GLN A 288 11.73 -13.85 9.18
CA GLN A 288 12.23 -14.50 7.97
C GLN A 288 11.11 -15.17 7.18
N LEU A 289 9.99 -15.42 7.84
CA LEU A 289 8.84 -16.07 7.21
C LEU A 289 7.82 -15.11 6.60
N GLU A 290 8.07 -13.80 6.67
CA GLU A 290 7.13 -12.83 6.08
C GLU A 290 7.01 -13.12 4.60
N LEU A 291 5.79 -13.05 4.07
CA LEU A 291 5.62 -13.33 2.65
C LEU A 291 6.51 -12.41 1.80
N ARG A 292 7.12 -12.99 0.77
CA ARG A 292 7.98 -12.23 -0.13
C ARG A 292 7.06 -11.74 -1.23
N MET A 293 6.24 -10.76 -0.87
CA MET A 293 5.25 -10.19 -1.78
C MET A 293 5.82 -9.40 -2.94
N VAL A 294 6.66 -8.41 -2.63
CA VAL A 294 7.25 -7.55 -3.63
C VAL A 294 8.00 -8.35 -4.70
N GLN A 295 8.77 -9.33 -4.26
CA GLN A 295 9.54 -10.17 -5.19
C GLN A 295 8.68 -11.11 -6.02
N SER A 296 7.39 -11.24 -5.68
CA SER A 296 6.50 -12.14 -6.40
C SER A 296 5.59 -11.45 -7.41
N LYS A 297 5.90 -10.21 -7.73
CA LYS A 297 5.10 -9.45 -8.67
C LYS A 297 4.77 -10.20 -9.95
N ARG A 298 5.77 -10.83 -10.57
CA ARG A 298 5.56 -11.56 -11.83
C ARG A 298 4.65 -12.77 -11.65
N ASP A 299 4.76 -13.43 -10.50
CA ASP A 299 3.93 -14.59 -10.22
C ASP A 299 2.48 -14.18 -10.02
N ILE A 300 2.28 -12.97 -9.50
CA ILE A 300 0.95 -12.46 -9.29
C ILE A 300 0.30 -12.07 -10.63
N GLU A 301 1.06 -11.42 -11.50
CA GLU A 301 0.58 -11.00 -12.82
C GLU A 301 0.14 -12.15 -13.70
N ASP A 302 0.96 -13.19 -13.77
CA ASP A 302 0.66 -14.37 -14.60
C ASP A 302 1.26 -15.62 -13.95
N PRO A 303 0.51 -16.22 -13.02
CA PRO A 303 0.95 -17.43 -12.30
C PRO A 303 1.02 -18.70 -13.13
N GLU A 304 2.20 -19.34 -13.14
CA GLU A 304 2.35 -20.59 -13.87
C GLU A 304 1.51 -21.61 -13.08
N ILE A 305 0.56 -22.24 -13.77
CA ILE A 305 -0.31 -23.23 -13.13
C ILE A 305 0.49 -24.45 -12.66
N VAL A 306 0.44 -24.72 -11.36
CA VAL A 306 1.16 -25.86 -10.81
C VAL A 306 0.24 -26.83 -10.07
N VAL A 307 -1.06 -26.64 -10.20
CA VAL A 307 -2.05 -27.49 -9.55
C VAL A 307 -3.30 -27.61 -10.41
N GLN A 308 -3.84 -28.82 -10.50
CA GLN A 308 -5.04 -29.06 -11.29
C GLN A 308 -6.25 -29.33 -10.40
N ALA A 309 -7.33 -28.62 -10.67
CA ALA A 309 -8.55 -28.81 -9.90
C ALA A 309 -9.38 -29.85 -10.66
N THR A 310 -10.10 -30.69 -9.92
CA THR A 310 -10.94 -31.70 -10.54
C THR A 310 -12.40 -31.35 -10.29
N VAL A 311 -13.22 -31.43 -11.34
CA VAL A 311 -14.63 -31.13 -11.21
C VAL A 311 -15.35 -32.33 -10.60
N LEU A 312 -16.03 -32.11 -9.50
CA LEU A 312 -16.76 -33.17 -8.81
C LEU A 312 -18.10 -33.40 -9.49
N GLU B 4 17.63 -7.04 0.30
CA GLU B 4 16.51 -6.10 0.04
C GLU B 4 16.90 -4.66 0.40
N CYS B 5 16.10 -3.72 -0.08
CA CYS B 5 16.31 -2.30 0.18
C CYS B 5 15.07 -1.80 0.91
N ARG B 6 15.21 -1.53 2.21
CA ARG B 6 14.09 -1.11 3.04
C ARG B 6 13.92 0.39 3.20
N VAL B 7 12.68 0.83 2.99
CA VAL B 7 12.30 2.22 3.08
C VAL B 7 11.19 2.41 4.11
N LEU B 8 11.39 3.33 5.05
CA LEU B 8 10.38 3.62 6.06
C LEU B 8 9.73 4.92 5.62
N SER B 9 8.52 4.83 5.09
CA SER B 9 7.80 6.00 4.62
C SER B 9 6.71 6.44 5.60
N ILE B 10 6.89 7.64 6.15
CA ILE B 10 5.95 8.20 7.11
C ILE B 10 5.14 9.32 6.47
N GLN B 11 3.98 8.96 5.93
CA GLN B 11 3.11 9.93 5.26
C GLN B 11 1.62 9.62 5.41
N SER B 12 0.81 10.55 4.89
CA SER B 12 -0.63 10.46 4.93
C SER B 12 -1.20 9.30 4.13
N HIS B 13 -2.37 8.83 4.57
CA HIS B 13 -3.07 7.76 3.87
C HIS B 13 -4.49 8.20 3.65
N VAL B 14 -5.03 7.87 2.49
CA VAL B 14 -6.40 8.17 2.13
C VAL B 14 -7.04 6.86 1.67
N ILE B 15 -8.35 6.75 1.86
CA ILE B 15 -9.08 5.55 1.45
C ILE B 15 -9.19 5.59 -0.07
N ARG B 16 -9.80 6.67 -0.58
CA ARG B 16 -9.94 6.87 -2.01
C ARG B 16 -8.85 7.86 -2.47
N GLY B 17 -8.27 7.61 -3.64
CA GLY B 17 -7.26 8.51 -4.17
C GLY B 17 -5.79 8.18 -3.96
N TYR B 18 -4.92 9.03 -4.51
CA TYR B 18 -3.49 8.81 -4.38
C TYR B 18 -2.67 10.05 -4.00
N VAL B 19 -2.28 10.10 -2.73
CA VAL B 19 -1.47 11.18 -2.18
C VAL B 19 -0.72 10.54 -1.02
N GLY B 20 0.37 11.17 -0.59
CA GLY B 20 1.13 10.62 0.51
C GLY B 20 1.56 9.19 0.26
N ASN B 21 1.37 8.33 1.24
CA ASN B 21 1.76 6.93 1.12
C ASN B 21 1.04 6.18 0.02
N ARG B 22 -0.13 6.68 -0.38
CA ARG B 22 -0.87 6.04 -1.46
C ARG B 22 -0.17 6.36 -2.79
N ALA B 23 0.44 7.53 -2.90
CA ALA B 23 1.14 7.89 -4.12
C ALA B 23 2.53 7.25 -4.20
N ALA B 24 3.17 7.09 -3.04
CA ALA B 24 4.53 6.55 -2.97
C ALA B 24 4.71 5.05 -2.82
N THR B 25 3.76 4.37 -2.19
CA THR B 25 3.89 2.94 -1.96
C THR B 25 3.86 2.01 -3.17
N PHE B 26 2.78 2.03 -3.93
CA PHE B 26 2.67 1.16 -5.09
C PHE B 26 3.89 1.27 -6.04
N PRO B 27 4.24 2.49 -6.47
CA PRO B 27 5.39 2.65 -7.38
C PRO B 27 6.67 2.02 -6.84
N LEU B 28 7.00 2.33 -5.59
CA LEU B 28 8.21 1.78 -4.99
C LEU B 28 8.16 0.27 -4.83
N GLN B 29 6.98 -0.28 -4.54
CA GLN B 29 6.84 -1.73 -4.39
C GLN B 29 7.04 -2.34 -5.78
N VAL B 30 6.46 -1.71 -6.78
CA VAL B 30 6.57 -2.16 -8.16
C VAL B 30 8.05 -2.20 -8.57
N LEU B 31 8.83 -1.26 -8.06
CA LEU B 31 10.25 -1.19 -8.38
C LEU B 31 11.11 -2.10 -7.50
N GLY B 32 10.46 -2.93 -6.69
CA GLY B 32 11.19 -3.87 -5.85
C GLY B 32 11.67 -3.43 -4.47
N PHE B 33 11.22 -2.27 -4.00
CA PHE B 33 11.64 -1.83 -2.68
C PHE B 33 10.72 -2.39 -1.60
N GLU B 34 11.30 -2.74 -0.46
CA GLU B 34 10.54 -3.24 0.68
C GLU B 34 10.09 -1.99 1.42
N ILE B 35 9.03 -1.34 0.95
CA ILE B 35 8.60 -0.13 1.62
C ILE B 35 7.55 -0.37 2.69
N ASP B 36 7.86 0.10 3.89
CA ASP B 36 6.99 -0.02 5.05
C ASP B 36 6.32 1.33 5.18
N ALA B 37 5.00 1.33 5.33
CA ALA B 37 4.27 2.58 5.41
C ALA B 37 3.65 2.91 6.77
N VAL B 38 4.11 4.01 7.37
CA VAL B 38 3.55 4.48 8.62
C VAL B 38 2.58 5.57 8.20
N ASN B 39 1.29 5.34 8.42
CA ASN B 39 0.28 6.33 8.02
C ASN B 39 0.10 7.40 9.08
N SER B 40 0.52 8.63 8.75
CA SER B 40 0.44 9.76 9.68
C SER B 40 -0.98 10.30 9.83
N VAL B 41 -1.86 9.91 8.91
CA VAL B 41 -3.27 10.28 8.95
C VAL B 41 -4.06 9.29 8.08
N GLN B 42 -5.33 9.09 8.41
CA GLN B 42 -6.19 8.23 7.61
C GLN B 42 -7.46 9.00 7.32
N PHE B 43 -7.57 9.50 6.09
CA PHE B 43 -8.70 10.26 5.66
C PHE B 43 -9.41 9.55 4.53
N SER B 44 -10.66 9.94 4.32
CA SER B 44 -11.47 9.32 3.29
C SER B 44 -10.93 9.62 1.91
N ASN B 45 -10.34 10.81 1.77
CA ASN B 45 -9.79 11.28 0.50
C ASN B 45 -8.97 12.53 0.81
N HIS B 46 -8.28 13.10 -0.18
CA HIS B 46 -7.47 14.29 0.10
C HIS B 46 -8.33 15.55 0.37
N THR B 47 -7.79 16.48 1.13
CA THR B 47 -8.50 17.70 1.49
C THR B 47 -8.87 18.64 0.35
N GLY B 48 -8.58 18.23 -0.89
CA GLY B 48 -8.92 19.05 -2.04
C GLY B 48 -10.36 18.87 -2.48
N TYR B 49 -11.00 17.82 -1.99
CA TYR B 49 -12.40 17.55 -2.34
C TYR B 49 -13.31 18.46 -1.53
N ALA B 50 -14.57 18.54 -1.91
CA ALA B 50 -15.52 19.37 -1.19
C ALA B 50 -15.69 18.84 0.23
N HIS B 51 -15.57 17.52 0.39
CA HIS B 51 -15.73 16.89 1.71
C HIS B 51 -14.59 15.95 2.05
N TRP B 52 -14.36 15.77 3.36
CA TRP B 52 -13.32 14.89 3.85
C TRP B 52 -13.44 14.71 5.35
N LYS B 53 -13.11 13.50 5.81
CA LYS B 53 -13.15 13.15 7.22
C LYS B 53 -12.06 12.12 7.47
N GLY B 54 -11.58 12.03 8.71
CA GLY B 54 -10.56 11.06 9.00
C GLY B 54 -9.88 11.32 10.34
N GLN B 55 -8.93 10.46 10.68
CA GLN B 55 -8.19 10.57 11.94
C GLN B 55 -6.74 10.90 11.64
N VAL B 56 -6.05 11.45 12.64
CA VAL B 56 -4.64 11.78 12.50
C VAL B 56 -3.85 11.04 13.56
N LEU B 57 -2.63 10.66 13.23
CA LEU B 57 -1.76 9.96 14.15
C LEU B 57 -1.02 11.03 14.96
N ASN B 58 -0.86 10.83 16.26
CA ASN B 58 -0.13 11.82 17.05
C ASN B 58 1.26 11.33 17.36
N SER B 59 2.13 12.23 17.80
CA SER B 59 3.51 11.90 18.09
C SER B 59 3.73 10.75 19.07
N ASP B 60 2.81 10.55 20.00
CA ASP B 60 2.96 9.45 20.97
C ASP B 60 2.67 8.12 20.31
N GLU B 61 1.69 8.10 19.43
CA GLU B 61 1.29 6.90 18.71
C GLU B 61 2.39 6.51 17.70
N LEU B 62 3.05 7.52 17.15
CA LEU B 62 4.13 7.27 16.19
C LEU B 62 5.25 6.60 16.97
N GLN B 63 5.61 7.20 18.09
CA GLN B 63 6.66 6.67 18.94
C GLN B 63 6.33 5.23 19.37
N GLU B 64 5.07 5.00 19.74
CA GLU B 64 4.65 3.66 20.15
C GLU B 64 4.90 2.65 19.03
N LEU B 65 4.50 3.01 17.81
CA LEU B 65 4.69 2.14 16.66
C LEU B 65 6.17 1.84 16.45
N TYR B 66 7.02 2.85 16.60
CA TYR B 66 8.45 2.66 16.43
C TYR B 66 8.98 1.72 17.52
N GLU B 67 8.38 1.79 18.70
CA GLU B 67 8.78 0.95 19.81
C GLU B 67 8.60 -0.52 19.43
N GLY B 68 7.47 -0.81 18.80
CA GLY B 68 7.21 -2.17 18.37
C GLY B 68 8.29 -2.64 17.42
N LEU B 69 8.70 -1.78 16.50
CA LEU B 69 9.74 -2.12 15.55
C LEU B 69 11.06 -2.33 16.28
N ARG B 70 11.38 -1.39 17.17
CA ARG B 70 12.61 -1.45 17.95
C ARG B 70 12.66 -2.73 18.78
N LEU B 71 11.61 -3.00 19.55
CA LEU B 71 11.55 -4.19 20.40
C LEU B 71 11.81 -5.47 19.61
N ASN B 72 11.35 -5.51 18.36
CA ASN B 72 11.55 -6.67 17.52
C ASN B 72 12.85 -6.61 16.75
N ASN B 73 13.67 -5.61 17.05
CA ASN B 73 14.95 -5.45 16.37
C ASN B 73 14.72 -5.26 14.87
N MET B 74 13.64 -4.57 14.51
CA MET B 74 13.32 -4.33 13.10
C MET B 74 13.46 -2.86 12.74
N ASN B 75 14.32 -2.14 13.46
CA ASN B 75 14.55 -0.73 13.19
C ASN B 75 15.85 -0.56 12.43
N LYS B 76 15.91 -1.18 11.26
CA LYS B 76 17.08 -1.13 10.40
C LYS B 76 16.59 -0.83 8.99
N TYR B 77 16.83 0.40 8.54
CA TYR B 77 16.39 0.82 7.23
C TYR B 77 17.51 1.40 6.38
N ASP B 78 17.30 1.39 5.08
CA ASP B 78 18.26 1.91 4.12
C ASP B 78 17.82 3.33 3.77
N TYR B 79 16.51 3.56 3.77
CA TYR B 79 15.94 4.86 3.47
C TYR B 79 14.78 5.17 4.39
N VAL B 80 14.55 6.46 4.58
CA VAL B 80 13.42 6.97 5.34
C VAL B 80 12.88 8.00 4.36
N LEU B 81 11.56 8.11 4.26
CA LEU B 81 10.92 9.03 3.32
C LEU B 81 9.76 9.77 3.97
N THR B 82 9.82 11.09 3.97
CA THR B 82 8.76 11.89 4.55
C THR B 82 8.34 13.00 3.60
N GLY B 83 7.17 13.56 3.87
CA GLY B 83 6.66 14.64 3.05
C GLY B 83 5.81 15.56 3.90
N TYR B 84 4.55 15.73 3.51
CA TYR B 84 3.64 16.59 4.25
C TYR B 84 3.51 16.18 5.71
N THR B 85 3.84 17.11 6.60
CA THR B 85 3.74 16.89 8.03
C THR B 85 2.99 18.10 8.58
N ARG B 86 1.96 17.85 9.38
CA ARG B 86 1.12 18.92 9.90
C ARG B 86 1.39 19.41 11.32
N ASP B 87 2.10 18.63 12.11
CA ASP B 87 2.32 18.97 13.51
C ASP B 87 3.77 18.94 13.99
N LYS B 88 4.16 19.98 14.71
CA LYS B 88 5.51 20.14 15.23
C LYS B 88 6.02 19.00 16.11
N SER B 89 5.22 18.55 17.07
CA SER B 89 5.66 17.46 17.94
C SER B 89 5.81 16.17 17.14
N PHE B 90 5.03 16.05 16.08
CA PHE B 90 5.09 14.88 15.22
C PHE B 90 6.40 14.98 14.43
N LEU B 91 6.64 16.15 13.85
CA LEU B 91 7.86 16.37 13.09
C LEU B 91 9.07 16.15 13.99
N ALA B 92 8.95 16.60 15.25
CA ALA B 92 10.05 16.43 16.20
C ALA B 92 10.30 14.95 16.44
N MET B 93 9.22 14.16 16.51
CA MET B 93 9.36 12.73 16.74
C MET B 93 9.98 12.07 15.52
N VAL B 94 9.59 12.52 14.34
CA VAL B 94 10.14 11.97 13.10
C VAL B 94 11.66 12.19 13.14
N VAL B 95 12.08 13.38 13.58
CA VAL B 95 13.49 13.70 13.68
C VAL B 95 14.24 12.74 14.60
N ASP B 96 13.67 12.45 15.76
CA ASP B 96 14.32 11.54 16.71
C ASP B 96 14.41 10.12 16.16
N ILE B 97 13.39 9.72 15.41
CA ILE B 97 13.39 8.38 14.83
C ILE B 97 14.47 8.26 13.76
N VAL B 98 14.56 9.26 12.89
CA VAL B 98 15.57 9.23 11.83
C VAL B 98 16.96 9.23 12.45
N GLN B 99 17.14 10.06 13.46
CA GLN B 99 18.41 10.18 14.16
C GLN B 99 18.86 8.82 14.69
N GLU B 100 17.94 8.06 15.27
CA GLU B 100 18.26 6.74 15.81
C GLU B 100 18.51 5.73 14.69
N LEU B 101 17.70 5.79 13.65
CA LEU B 101 17.87 4.87 12.53
C LEU B 101 19.22 5.10 11.86
N LYS B 102 19.68 6.35 11.86
CA LYS B 102 20.98 6.67 11.26
C LYS B 102 22.14 6.18 12.13
N GLN B 103 21.85 5.92 13.40
CA GLN B 103 22.85 5.40 14.31
C GLN B 103 23.00 3.92 13.98
N GLN B 104 21.86 3.25 13.80
CA GLN B 104 21.86 1.83 13.47
C GLN B 104 22.56 1.67 12.12
N ASN B 105 22.17 2.50 11.16
CA ASN B 105 22.74 2.46 9.82
C ASN B 105 23.18 3.85 9.36
N PRO B 106 24.48 4.16 9.50
CA PRO B 106 25.06 5.45 9.12
C PRO B 106 24.96 5.71 7.62
N ARG B 107 24.69 4.67 6.85
CA ARG B 107 24.58 4.80 5.40
C ARG B 107 23.13 5.08 5.00
N LEU B 108 22.26 5.18 6.00
CA LEU B 108 20.85 5.45 5.74
C LEU B 108 20.65 6.78 5.02
N VAL B 109 19.84 6.75 3.97
CA VAL B 109 19.53 7.94 3.19
C VAL B 109 18.13 8.46 3.54
N TYR B 110 18.06 9.67 4.07
CA TYR B 110 16.79 10.28 4.43
C TYR B 110 16.32 11.22 3.31
N VAL B 111 15.27 10.81 2.61
CA VAL B 111 14.69 11.60 1.52
C VAL B 111 13.58 12.43 2.15
N CYS B 112 13.70 13.75 2.04
CA CYS B 112 12.72 14.64 2.64
C CYS B 112 12.10 15.67 1.73
N ASP B 113 10.78 15.62 1.62
CA ASP B 113 10.04 16.59 0.83
C ASP B 113 9.60 17.57 1.92
N PRO B 114 10.27 18.74 2.02
CA PRO B 114 9.96 19.75 3.03
C PRO B 114 8.72 20.60 2.72
N VAL B 115 7.56 19.99 2.80
CA VAL B 115 6.30 20.67 2.50
C VAL B 115 6.01 21.81 3.47
N LEU B 116 5.91 23.02 2.93
CA LEU B 116 5.65 24.21 3.74
C LEU B 116 4.57 25.08 3.10
N GLY B 117 4.53 25.10 1.77
CA GLY B 117 3.55 25.91 1.08
C GLY B 117 3.93 26.14 -0.37
N ASP B 118 3.31 27.13 -0.99
CA ASP B 118 3.56 27.44 -2.39
C ASP B 118 3.19 28.89 -2.72
N LYS B 119 3.19 29.22 -4.00
CA LYS B 119 2.86 30.56 -4.48
C LYS B 119 1.70 30.49 -5.47
N TRP B 120 0.95 31.58 -5.58
CA TRP B 120 -0.19 31.68 -6.52
C TRP B 120 -0.46 33.14 -6.85
N ASP B 121 0.57 33.96 -6.69
CA ASP B 121 0.51 35.39 -6.97
C ASP B 121 1.95 35.80 -7.17
N GLY B 122 2.63 36.03 -6.06
CA GLY B 122 4.03 36.42 -6.07
C GLY B 122 4.61 35.91 -4.78
N GLU B 123 3.96 36.29 -3.68
CA GLU B 123 4.37 35.88 -2.35
C GLU B 123 3.33 34.89 -1.86
N GLY B 124 3.60 33.61 -2.09
CA GLY B 124 2.68 32.55 -1.70
C GLY B 124 2.29 32.50 -0.24
N SER B 125 1.76 31.36 0.18
CA SER B 125 1.32 31.16 1.55
C SER B 125 1.66 29.75 2.01
N MET B 126 1.65 29.53 3.33
CA MET B 126 1.99 28.23 3.88
C MET B 126 0.82 27.24 4.04
N TYR B 127 1.14 25.95 3.94
CA TYR B 127 0.17 24.86 4.07
C TYR B 127 0.27 24.20 5.43
N VAL B 128 1.27 24.58 6.21
CA VAL B 128 1.47 23.96 7.50
C VAL B 128 1.75 25.03 8.55
N PRO B 129 1.61 24.68 9.83
CA PRO B 129 1.88 25.66 10.91
C PRO B 129 3.26 26.30 10.71
N GLU B 130 3.36 27.60 10.97
CA GLU B 130 4.63 28.29 10.82
C GLU B 130 5.69 27.80 11.79
N ASP B 131 5.27 27.20 12.90
CA ASP B 131 6.23 26.72 13.87
C ASP B 131 7.00 25.48 13.42
N LEU B 132 6.71 25.00 12.21
CA LEU B 132 7.43 23.85 11.68
C LEU B 132 8.70 24.34 10.95
N LEU B 133 8.68 25.55 10.44
CA LEU B 133 9.84 26.08 9.70
C LEU B 133 11.14 26.04 10.50
N PRO B 134 11.14 26.54 11.75
CA PRO B 134 12.39 26.48 12.51
C PRO B 134 12.85 25.05 12.73
N VAL B 135 11.89 24.14 12.87
CA VAL B 135 12.22 22.73 13.08
C VAL B 135 12.81 22.16 11.80
N TYR B 136 12.26 22.53 10.64
CA TYR B 136 12.80 22.04 9.39
C TYR B 136 14.22 22.57 9.22
N LYS B 137 14.42 23.87 9.47
CA LYS B 137 15.73 24.49 9.34
C LYS B 137 16.81 23.93 10.24
N GLU B 138 16.51 23.84 11.54
CA GLU B 138 17.49 23.39 12.52
C GLU B 138 17.57 21.91 12.81
N LYS B 139 16.49 21.18 12.54
CA LYS B 139 16.47 19.76 12.84
C LYS B 139 16.34 18.80 11.66
N VAL B 140 15.36 19.04 10.80
CA VAL B 140 15.12 18.15 9.68
C VAL B 140 16.13 18.23 8.53
N VAL B 141 16.26 19.39 7.91
CA VAL B 141 17.17 19.54 6.79
C VAL B 141 18.59 19.07 7.14
N PRO B 142 19.09 19.42 8.32
CA PRO B 142 20.44 18.97 8.68
C PRO B 142 20.60 17.45 8.65
N LEU B 143 19.50 16.73 8.85
CA LEU B 143 19.51 15.27 8.84
C LEU B 143 19.22 14.71 7.45
N ALA B 144 18.54 15.50 6.64
CA ALA B 144 18.19 15.09 5.28
C ALA B 144 19.40 14.90 4.36
N ASP B 145 19.25 14.00 3.41
CA ASP B 145 20.30 13.70 2.43
C ASP B 145 19.83 14.13 1.05
N ILE B 146 18.52 14.08 0.84
CA ILE B 146 17.91 14.47 -0.42
C ILE B 146 16.64 15.26 -0.11
N ILE B 147 16.55 16.50 -0.62
CA ILE B 147 15.35 17.30 -0.39
C ILE B 147 14.75 17.75 -1.71
N THR B 148 13.44 17.96 -1.72
CA THR B 148 12.74 18.35 -2.92
C THR B 148 11.82 19.54 -2.71
N PRO B 149 12.37 20.67 -2.23
CA PRO B 149 11.55 21.86 -2.01
C PRO B 149 11.21 22.55 -3.32
N ASN B 150 10.09 23.26 -3.34
CA ASN B 150 9.75 24.03 -4.54
C ASN B 150 10.45 25.37 -4.32
N GLN B 151 10.27 26.32 -5.24
CA GLN B 151 10.94 27.61 -5.06
C GLN B 151 10.60 28.27 -3.73
N PHE B 152 9.31 28.36 -3.44
CA PHE B 152 8.83 28.98 -2.21
C PHE B 152 9.51 28.38 -0.98
N GLU B 153 9.58 27.05 -0.95
CA GLU B 153 10.18 26.34 0.16
C GLU B 153 11.69 26.54 0.22
N ALA B 154 12.33 26.59 -0.94
CA ALA B 154 13.78 26.81 -0.97
C ALA B 154 14.08 28.19 -0.36
N GLU B 155 13.23 29.16 -0.68
CA GLU B 155 13.40 30.52 -0.16
C GLU B 155 13.21 30.57 1.36
N LEU B 156 12.16 29.92 1.86
CA LEU B 156 11.91 29.92 3.29
C LEU B 156 13.03 29.24 4.05
N LEU B 157 13.48 28.10 3.52
CA LEU B 157 14.56 27.35 4.15
C LEU B 157 15.89 28.10 4.15
N SER B 158 16.23 28.71 3.02
CA SER B 158 17.49 29.45 2.90
C SER B 158 17.39 30.83 3.53
N GLY B 159 16.20 31.43 3.47
CA GLY B 159 16.01 32.75 4.02
C GLY B 159 16.45 33.79 3.02
N ARG B 160 16.38 33.44 1.74
CA ARG B 160 16.79 34.32 0.67
C ARG B 160 15.81 34.15 -0.48
N LYS B 161 15.49 35.24 -1.17
CA LYS B 161 14.56 35.14 -2.29
C LYS B 161 15.28 34.75 -3.57
N ILE B 162 14.54 34.15 -4.51
CA ILE B 162 15.11 33.70 -5.77
C ILE B 162 14.46 34.40 -6.97
N HIS B 163 15.26 35.14 -7.73
CA HIS B 163 14.74 35.86 -8.89
C HIS B 163 15.33 35.36 -10.20
N SER B 164 16.29 34.44 -10.11
CA SER B 164 16.93 33.90 -11.31
C SER B 164 17.58 32.55 -11.06
N GLN B 165 18.06 31.93 -12.13
CA GLN B 165 18.70 30.63 -12.05
C GLN B 165 19.96 30.69 -11.19
N GLU B 166 20.78 31.70 -11.38
CA GLU B 166 22.01 31.83 -10.59
C GLU B 166 21.70 32.02 -9.11
N GLU B 167 20.61 32.72 -8.81
CA GLU B 167 20.23 32.92 -7.41
C GLU B 167 19.73 31.59 -6.85
N ALA B 168 19.01 30.84 -7.68
CA ALA B 168 18.50 29.53 -7.26
C ALA B 168 19.68 28.62 -6.92
N LEU B 169 20.69 28.59 -7.80
CA LEU B 169 21.88 27.75 -7.58
C LEU B 169 22.58 28.16 -6.29
N ARG B 170 22.62 29.45 -6.03
CA ARG B 170 23.25 29.95 -4.80
C ARG B 170 22.46 29.43 -3.60
N VAL B 171 21.14 29.40 -3.73
CA VAL B 171 20.28 28.90 -2.65
C VAL B 171 20.56 27.42 -2.49
N MET B 172 20.65 26.69 -3.60
CA MET B 172 20.95 25.26 -3.52
C MET B 172 22.28 25.00 -2.80
N ASP B 173 23.26 25.86 -3.00
CA ASP B 173 24.54 25.69 -2.30
C ASP B 173 24.31 25.91 -0.79
N MET B 174 23.43 26.85 -0.46
CA MET B 174 23.15 27.16 0.93
C MET B 174 22.46 25.96 1.58
N LEU B 175 21.54 25.35 0.84
CA LEU B 175 20.82 24.19 1.31
C LEU B 175 21.79 23.02 1.48
N HIS B 176 22.77 22.90 0.57
CA HIS B 176 23.78 21.83 0.68
C HIS B 176 24.55 22.03 1.98
N SER B 177 24.95 23.28 2.26
CA SER B 177 25.70 23.55 3.48
C SER B 177 24.87 23.23 4.72
N MET B 178 23.56 23.33 4.60
CA MET B 178 22.71 23.02 5.74
C MET B 178 22.69 21.51 5.98
N GLY B 179 23.00 20.72 4.96
CA GLY B 179 23.00 19.28 5.17
C GLY B 179 22.90 18.32 3.98
N PRO B 180 21.79 18.32 3.22
CA PRO B 180 21.65 17.40 2.09
C PRO B 180 22.62 17.53 0.92
N ASP B 181 23.13 16.39 0.45
CA ASP B 181 24.04 16.34 -0.69
C ASP B 181 23.28 16.42 -2.01
N THR B 182 21.99 16.16 -1.97
CA THR B 182 21.17 16.24 -3.17
C THR B 182 19.98 17.18 -2.95
N VAL B 183 19.95 18.25 -3.73
CA VAL B 183 18.89 19.24 -3.65
C VAL B 183 18.21 19.39 -5.00
N VAL B 184 16.89 19.30 -5.00
CA VAL B 184 16.13 19.45 -6.24
C VAL B 184 15.00 20.45 -5.99
N ILE B 185 15.07 21.62 -6.62
CA ILE B 185 14.00 22.59 -6.48
C ILE B 185 13.00 22.12 -7.54
N THR B 186 12.01 21.35 -7.09
CA THR B 186 10.97 20.74 -7.93
C THR B 186 10.16 21.64 -8.86
N SER B 187 9.62 22.73 -8.35
CA SER B 187 8.85 23.63 -9.19
C SER B 187 9.59 24.97 -9.22
N SER B 188 9.40 25.71 -10.30
CA SER B 188 10.10 26.96 -10.52
C SER B 188 9.33 28.26 -10.66
N ASP B 189 9.16 28.62 -11.92
CA ASP B 189 8.52 29.83 -12.42
C ASP B 189 9.59 30.90 -12.51
N LEU B 190 10.63 30.50 -13.24
CA LEU B 190 11.79 31.30 -13.55
C LEU B 190 11.69 31.36 -15.06
N PRO B 191 12.32 32.35 -15.70
CA PRO B 191 12.24 32.44 -17.15
C PRO B 191 12.64 31.12 -17.83
N SER B 192 11.96 30.80 -18.93
CA SER B 192 12.25 29.59 -19.70
C SER B 192 12.36 29.91 -21.18
N PRO B 193 13.45 29.50 -21.83
CA PRO B 193 13.68 29.75 -23.26
C PRO B 193 12.49 29.31 -24.09
N GLN B 194 11.66 28.43 -23.53
CA GLN B 194 10.50 27.91 -24.24
C GLN B 194 9.18 28.60 -23.91
N GLY B 195 9.22 29.63 -23.07
CA GLY B 195 8.00 30.34 -22.74
C GLY B 195 7.44 30.21 -21.34
N SER B 196 6.28 30.83 -21.14
CA SER B 196 5.59 30.83 -19.85
C SER B 196 4.80 29.55 -19.62
N ASN B 197 4.68 28.74 -20.65
CA ASN B 197 3.96 27.48 -20.55
C ASN B 197 4.86 26.38 -19.96
N TYR B 198 6.08 26.75 -19.59
CA TYR B 198 7.03 25.79 -19.02
C TYR B 198 7.53 26.20 -17.64
N LEU B 199 7.79 25.20 -16.81
CA LEU B 199 8.32 25.41 -15.46
C LEU B 199 9.73 24.83 -15.45
N ILE B 200 10.55 25.31 -14.53
CA ILE B 200 11.92 24.89 -14.41
C ILE B 200 12.22 24.01 -13.22
N VAL B 201 13.00 22.97 -13.47
CA VAL B 201 13.42 22.06 -12.43
C VAL B 201 14.93 22.17 -12.39
N LEU B 202 15.46 22.35 -11.19
CA LEU B 202 16.89 22.47 -11.01
C LEU B 202 17.34 21.44 -10.00
N GLY B 203 18.45 20.79 -10.28
CA GLY B 203 18.96 19.78 -9.39
C GLY B 203 20.45 19.94 -9.18
N SER B 204 20.90 19.65 -7.97
CA SER B 204 22.30 19.75 -7.64
C SER B 204 22.66 18.60 -6.71
N GLN B 205 23.75 17.90 -7.02
CA GLN B 205 24.19 16.78 -6.20
C GLN B 205 25.69 16.82 -5.92
N ARG B 206 26.05 16.73 -4.65
CA ARG B 206 27.45 16.73 -4.24
C ARG B 206 27.79 15.32 -3.82
N ARG B 207 28.95 14.84 -4.22
CA ARG B 207 29.36 13.49 -3.87
C ARG B 207 30.88 13.35 -3.96
N ARG B 208 31.41 12.40 -3.19
CA ARG B 208 32.84 12.13 -3.18
C ARG B 208 33.06 10.98 -4.16
N ASN B 209 33.81 11.22 -5.22
CA ASN B 209 34.06 10.17 -6.21
C ASN B 209 35.10 9.14 -5.74
N PRO B 210 35.27 8.04 -6.50
CA PRO B 210 36.23 6.99 -6.14
C PRO B 210 37.59 7.52 -5.73
N ALA B 211 38.12 8.47 -6.49
CA ALA B 211 39.42 9.06 -6.19
C ALA B 211 39.39 9.83 -4.88
N GLY B 212 38.21 10.07 -4.35
CA GLY B 212 38.10 10.78 -3.09
C GLY B 212 37.87 12.27 -3.25
N SER B 213 37.63 12.71 -4.48
CA SER B 213 37.39 14.12 -4.73
C SER B 213 35.91 14.45 -4.57
N VAL B 214 35.62 15.55 -3.89
CA VAL B 214 34.24 15.98 -3.69
C VAL B 214 33.84 16.86 -4.87
N VAL B 215 32.92 16.36 -5.69
CA VAL B 215 32.45 17.09 -6.86
C VAL B 215 30.95 17.36 -6.79
N MET B 216 30.46 18.21 -7.70
CA MET B 216 29.05 18.55 -7.71
C MET B 216 28.52 18.55 -9.13
N GLU B 217 27.36 17.93 -9.32
CA GLU B 217 26.73 17.87 -10.63
C GLU B 217 25.45 18.71 -10.56
N ARG B 218 25.22 19.57 -11.57
CA ARG B 218 24.04 20.42 -11.60
C ARG B 218 23.29 20.22 -12.91
N ILE B 219 21.97 20.13 -12.84
CA ILE B 219 21.18 19.95 -14.05
C ILE B 219 19.97 20.86 -14.06
N ARG B 220 19.35 20.96 -15.22
CA ARG B 220 18.16 21.76 -15.37
C ARG B 220 17.23 21.12 -16.38
N MET B 221 15.94 21.27 -16.15
CA MET B 221 14.93 20.73 -17.04
C MET B 221 13.85 21.78 -17.17
N ASP B 222 13.29 21.89 -18.38
CA ASP B 222 12.23 22.83 -18.66
C ASP B 222 11.01 21.95 -18.97
N ILE B 223 10.08 21.88 -18.03
CA ILE B 223 8.90 21.03 -18.17
C ILE B 223 7.62 21.78 -18.50
N ARG B 224 6.86 21.24 -19.46
CA ARG B 224 5.59 21.83 -19.90
C ARG B 224 4.59 21.83 -18.74
N LYS B 225 4.01 22.98 -18.44
CA LYS B 225 3.02 23.08 -17.37
C LYS B 225 1.71 22.39 -17.78
N VAL B 226 0.81 22.23 -16.83
CA VAL B 226 -0.48 21.61 -17.10
C VAL B 226 -1.61 22.47 -16.55
N ASP B 227 -2.70 22.56 -17.29
CA ASP B 227 -3.84 23.38 -16.88
C ASP B 227 -4.82 22.63 -15.97
N ALA B 228 -4.30 22.12 -14.85
CA ALA B 228 -5.13 21.39 -13.90
C ALA B 228 -4.40 21.28 -12.57
N VAL B 229 -5.15 21.07 -11.50
CA VAL B 229 -4.57 20.94 -10.17
C VAL B 229 -4.55 19.47 -9.79
N PHE B 230 -3.35 18.92 -9.70
CA PHE B 230 -3.16 17.53 -9.33
C PHE B 230 -2.66 17.50 -7.89
N VAL B 231 -2.98 16.42 -7.20
CA VAL B 231 -2.57 16.26 -5.82
C VAL B 231 -1.74 14.96 -5.77
N GLY B 232 -0.71 14.96 -4.94
CA GLY B 232 0.13 13.78 -4.81
C GLY B 232 1.32 13.71 -5.76
N THR B 233 1.43 14.65 -6.71
CA THR B 233 2.55 14.62 -7.66
C THR B 233 3.90 14.83 -6.99
N GLY B 234 3.93 15.68 -5.96
CA GLY B 234 5.15 15.94 -5.24
C GLY B 234 5.54 14.72 -4.41
N ASP B 235 4.54 13.99 -3.90
CA ASP B 235 4.82 12.79 -3.12
C ASP B 235 5.39 11.72 -4.06
N LEU B 236 4.81 11.63 -5.25
CA LEU B 236 5.26 10.66 -6.25
C LEU B 236 6.64 11.03 -6.77
N PHE B 237 6.88 12.33 -6.94
CA PHE B 237 8.17 12.83 -7.43
C PHE B 237 9.27 12.41 -6.44
N ALA B 238 9.04 12.63 -5.16
CA ALA B 238 10.04 12.28 -4.14
C ALA B 238 10.30 10.78 -4.06
N ALA B 239 9.24 9.97 -4.18
CA ALA B 239 9.40 8.53 -4.12
C ALA B 239 10.22 8.01 -5.30
N MET B 240 9.92 8.53 -6.49
CA MET B 240 10.64 8.12 -7.69
C MET B 240 12.09 8.65 -7.71
N LEU B 241 12.31 9.83 -7.15
CA LEU B 241 13.65 10.39 -7.09
C LEU B 241 14.46 9.45 -6.22
N LEU B 242 13.84 9.00 -5.13
CA LEU B 242 14.48 8.05 -4.22
C LEU B 242 14.88 6.79 -5.00
N ALA B 243 13.94 6.25 -5.76
CA ALA B 243 14.16 5.02 -6.53
C ALA B 243 15.22 5.16 -7.61
N TRP B 244 15.15 6.23 -8.38
CA TRP B 244 16.10 6.43 -9.46
C TRP B 244 17.48 6.93 -9.05
N THR B 245 17.60 7.63 -7.93
CA THR B 245 18.94 8.02 -7.50
C THR B 245 19.57 6.76 -6.89
N HIS B 246 18.73 5.86 -6.38
CA HIS B 246 19.21 4.60 -5.79
C HIS B 246 19.83 3.71 -6.89
N LYS B 247 19.22 3.77 -8.08
CA LYS B 247 19.66 2.99 -9.23
C LYS B 247 20.82 3.65 -9.98
N HIS B 248 20.87 4.98 -9.93
CA HIS B 248 21.90 5.77 -10.60
C HIS B 248 22.43 6.77 -9.58
N PRO B 249 23.15 6.28 -8.56
CA PRO B 249 23.68 7.13 -7.48
C PRO B 249 24.66 8.22 -7.87
N ASN B 250 25.38 8.04 -8.96
CA ASN B 250 26.35 9.04 -9.37
C ASN B 250 25.96 9.75 -10.66
N ASN B 251 24.68 9.67 -11.02
CA ASN B 251 24.21 10.31 -12.23
C ASN B 251 22.89 11.02 -11.98
N LEU B 252 22.97 12.25 -11.46
CA LEU B 252 21.77 13.01 -11.17
C LEU B 252 20.94 13.20 -12.43
N LYS B 253 21.62 13.46 -13.53
CA LYS B 253 20.95 13.69 -14.81
C LYS B 253 19.97 12.58 -15.20
N VAL B 254 20.44 11.34 -15.24
CA VAL B 254 19.61 10.20 -15.59
C VAL B 254 18.51 9.97 -14.54
N ALA B 255 18.87 10.15 -13.28
CA ALA B 255 17.93 9.97 -12.19
C ALA B 255 16.79 10.96 -12.30
N CYS B 256 17.11 12.22 -12.59
CA CYS B 256 16.08 13.23 -12.73
C CYS B 256 15.27 13.06 -14.01
N GLU B 257 15.90 12.57 -15.06
CA GLU B 257 15.18 12.39 -16.32
C GLU B 257 14.15 11.26 -16.22
N LYS B 258 14.49 10.21 -15.47
CA LYS B 258 13.57 9.09 -15.30
C LYS B 258 12.44 9.46 -14.34
N THR B 259 12.78 10.20 -13.28
CA THR B 259 11.77 10.64 -12.32
C THR B 259 10.72 11.48 -13.03
N VAL B 260 11.18 12.51 -13.74
CA VAL B 260 10.30 13.42 -14.46
C VAL B 260 9.50 12.74 -15.56
N SER B 261 10.14 11.83 -16.30
CA SER B 261 9.43 11.11 -17.35
C SER B 261 8.33 10.23 -16.75
N THR B 262 8.61 9.62 -15.60
CA THR B 262 7.61 8.78 -14.95
C THR B 262 6.41 9.66 -14.63
N LEU B 263 6.67 10.82 -14.04
CA LEU B 263 5.59 11.75 -13.74
C LEU B 263 4.81 12.08 -14.99
N HIS B 264 5.53 12.36 -16.08
CA HIS B 264 4.89 12.70 -17.35
C HIS B 264 3.88 11.64 -17.79
N HIS B 265 4.30 10.38 -17.78
CA HIS B 265 3.43 9.30 -18.20
C HIS B 265 2.21 9.15 -17.33
N VAL B 266 2.39 9.26 -16.03
CA VAL B 266 1.28 9.16 -15.08
C VAL B 266 0.31 10.31 -15.30
N LEU B 267 0.85 11.53 -15.40
CA LEU B 267 0.01 12.72 -15.60
C LEU B 267 -0.69 12.74 -16.94
N GLN B 268 -0.01 12.31 -18.00
CA GLN B 268 -0.62 12.29 -19.32
C GLN B 268 -1.77 11.29 -19.34
N ARG B 269 -1.55 10.13 -18.72
CA ARG B 269 -2.60 9.11 -18.69
C ARG B 269 -3.76 9.62 -17.84
N THR B 270 -3.43 10.28 -16.74
CA THR B 270 -4.42 10.84 -15.83
C THR B 270 -5.26 11.92 -16.52
N ILE B 271 -4.60 12.78 -17.29
CA ILE B 271 -5.27 13.86 -18.02
C ILE B 271 -6.24 13.30 -19.05
N GLN B 272 -5.79 12.32 -19.82
CA GLN B 272 -6.62 11.69 -20.83
C GLN B 272 -7.88 11.11 -20.20
N CYS B 273 -7.70 10.17 -19.26
CA CYS B 273 -8.83 9.54 -18.57
C CYS B 273 -9.72 10.58 -17.92
N ALA B 274 -9.10 11.60 -17.32
CA ALA B 274 -9.86 12.66 -16.65
C ALA B 274 -10.82 13.33 -17.64
N LYS B 275 -10.28 13.74 -18.79
CA LYS B 275 -11.09 14.38 -19.81
C LYS B 275 -12.20 13.46 -20.32
N ALA B 276 -11.82 12.24 -20.69
CA ALA B 276 -12.79 11.28 -21.20
C ALA B 276 -13.99 11.11 -20.26
N GLN B 277 -13.75 11.18 -18.96
CA GLN B 277 -14.82 11.04 -17.97
C GLN B 277 -15.74 12.25 -17.95
N ALA B 278 -15.72 13.01 -19.03
CA ALA B 278 -16.54 14.21 -19.19
C ALA B 278 -15.98 15.00 -20.37
N GLY B 279 -15.67 16.27 -20.13
CA GLY B 279 -15.11 17.10 -21.19
C GLY B 279 -13.69 17.47 -20.84
N VAL B 282 -15.53 20.29 -19.97
CA VAL B 282 -15.82 20.34 -18.50
C VAL B 282 -14.57 20.07 -17.68
N ARG B 283 -14.23 20.99 -16.78
CA ARG B 283 -13.05 20.80 -15.94
C ARG B 283 -13.28 19.55 -15.08
N PRO B 284 -12.35 18.59 -15.14
CA PRO B 284 -12.51 17.38 -14.34
C PRO B 284 -12.57 17.71 -12.86
N SER B 285 -13.25 16.88 -12.09
CA SER B 285 -13.36 17.09 -10.65
C SER B 285 -12.14 16.49 -9.98
N PRO B 286 -11.90 16.82 -8.70
CA PRO B 286 -10.73 16.25 -8.02
C PRO B 286 -10.71 14.72 -8.14
N MET B 287 -11.89 14.11 -8.05
CA MET B 287 -12.01 12.66 -8.14
C MET B 287 -11.47 12.13 -9.47
N GLN B 288 -11.85 12.78 -10.55
CA GLN B 288 -11.43 12.37 -11.88
C GLN B 288 -9.95 12.67 -12.14
N LEU B 289 -9.39 13.62 -11.40
CA LEU B 289 -7.99 14.01 -11.56
C LEU B 289 -7.08 13.20 -10.65
N GLU B 290 -7.63 12.16 -10.04
CA GLU B 290 -6.82 11.30 -9.18
C GLU B 290 -5.80 10.61 -10.08
N LEU B 291 -4.55 10.60 -9.65
CA LEU B 291 -3.48 9.98 -10.43
C LEU B 291 -3.78 8.54 -10.80
N ARG B 292 -3.63 8.23 -12.09
CA ARG B 292 -3.87 6.87 -12.58
C ARG B 292 -2.63 6.03 -12.25
N MET B 293 -2.46 5.74 -10.97
CA MET B 293 -1.30 4.98 -10.50
C MET B 293 -1.25 3.52 -10.95
N VAL B 294 -2.31 2.78 -10.63
CA VAL B 294 -2.38 1.36 -10.97
C VAL B 294 -2.16 1.11 -12.46
N GLN B 295 -2.79 1.95 -13.26
CA GLN B 295 -2.71 1.83 -14.71
C GLN B 295 -1.34 2.24 -15.28
N SER B 296 -0.50 2.87 -14.47
CA SER B 296 0.82 3.30 -14.94
C SER B 296 1.94 2.36 -14.54
N LYS B 297 1.59 1.15 -14.10
CA LYS B 297 2.57 0.18 -13.68
C LYS B 297 3.74 0.02 -14.65
N ARG B 298 3.45 -0.15 -15.93
CA ARG B 298 4.50 -0.33 -16.93
C ARG B 298 5.42 0.88 -17.04
N ASP B 299 4.85 2.08 -17.03
CA ASP B 299 5.66 3.29 -17.14
C ASP B 299 6.55 3.47 -15.92
N ILE B 300 6.08 3.04 -14.76
CA ILE B 300 6.86 3.14 -13.54
C ILE B 300 8.05 2.19 -13.59
N GLU B 301 7.83 0.99 -14.12
CA GLU B 301 8.91 -0.01 -14.22
C GLU B 301 10.04 0.40 -15.18
N ASP B 302 9.68 0.86 -16.36
CA ASP B 302 10.67 1.26 -17.35
C ASP B 302 10.09 2.45 -18.10
N PRO B 303 10.26 3.66 -17.55
CA PRO B 303 9.75 4.88 -18.16
C PRO B 303 10.52 5.34 -19.39
N GLU B 304 9.78 5.61 -20.46
CA GLU B 304 10.38 6.10 -21.70
C GLU B 304 10.81 7.53 -21.40
N ILE B 305 12.07 7.84 -21.63
CA ILE B 305 12.57 9.19 -21.38
C ILE B 305 12.00 10.14 -22.43
N VAL B 306 11.15 11.07 -21.99
CA VAL B 306 10.54 12.02 -22.91
C VAL B 306 11.07 13.44 -22.74
N VAL B 307 12.08 13.58 -21.88
CA VAL B 307 12.67 14.88 -21.64
C VAL B 307 14.15 14.70 -21.32
N GLN B 308 14.96 15.66 -21.73
CA GLN B 308 16.38 15.57 -21.45
C GLN B 308 16.82 16.79 -20.67
N ALA B 309 17.59 16.57 -19.62
CA ALA B 309 18.08 17.64 -18.78
C ALA B 309 19.29 18.32 -19.41
N THR B 310 19.43 19.62 -19.17
CA THR B 310 20.58 20.35 -19.67
C THR B 310 21.60 20.39 -18.55
N VAL B 311 22.87 20.30 -18.91
CA VAL B 311 23.94 20.30 -17.93
C VAL B 311 24.32 21.71 -17.51
N LEU B 312 24.49 21.92 -16.21
CA LEU B 312 24.88 23.23 -15.70
C LEU B 312 26.20 23.06 -14.96
NA NA C . -8.79 -18.39 7.69
C1 TEP D . -3.75 -13.66 9.83
N1 TEP D . -3.81 -12.26 10.33
C2 TEP D . -4.47 -11.29 9.57
O2 TEP D . -5.05 -11.60 8.52
N3 TEP D . -4.52 -9.96 10.02
C3 TEP D . -5.20 -8.93 9.21
C4 TEP D . -3.89 -9.62 11.23
C5 TEP D . -3.24 -10.59 11.97
C6 TEP D . -3.19 -11.91 11.53
O6 TEP D . -2.62 -12.77 12.20
N7 TEP D . -2.75 -9.99 13.06
C8 TEP D . -3.09 -8.70 13.01
N9 TEP D . -3.77 -8.47 11.89
C1 MPD E . -2.03 -7.05 13.15
C2 MPD E . -2.84 -8.34 13.28
O2 MPD E . -1.96 -9.47 13.23
CM MPD E . -3.58 -8.35 14.61
C3 MPD E . -3.84 -8.44 12.13
C4 MPD E . -3.52 -9.65 11.25
O4 MPD E . -3.60 -10.84 12.05
C5 MPD E . -4.49 -9.74 10.07
C1 MPD F . -4.08 -22.75 -0.48
C2 MPD F . -4.06 -22.67 1.05
O2 MPD F . -4.93 -23.68 1.59
CM MPD F . -2.63 -22.88 1.55
C3 MPD F . -4.59 -21.30 1.49
C4 MPD F . -4.83 -21.27 3.00
O4 MPD F . -3.62 -21.61 3.69
C5 MPD F . -5.32 -19.89 3.44
C1 MPD G . -20.28 0.99 -8.45
C2 MPD G . -20.97 1.27 -9.79
O2 MPD G . -21.24 0.04 -10.46
CM MPD G . -22.27 2.02 -9.54
C3 MPD G . -20.06 2.12 -10.69
C4 MPD G . -18.76 1.39 -11.04
O4 MPD G . -18.05 1.02 -9.86
C5 MPD G . -19.04 0.15 -11.91
C1 MPD H . 3.06 -25.72 0.66
C2 MPD H . 3.58 -25.11 -0.65
O2 MPD H . 4.75 -24.33 -0.38
CM MPD H . 3.94 -26.21 -1.64
C3 MPD H . 2.52 -24.16 -1.22
C4 MPD H . 1.17 -24.86 -1.36
O4 MPD H . 0.17 -23.87 -1.64
C5 MPD H . 1.19 -25.90 -2.48
C1 MPD I . -9.95 -4.68 -13.34
C2 MPD I . -9.15 -5.24 -14.51
O2 MPD I . -8.52 -6.46 -14.11
CM MPD I . -10.09 -5.51 -15.69
C3 MPD I . -8.05 -4.25 -14.90
C4 MPD I . -7.20 -4.81 -16.05
O4 MPD I . -7.99 -4.88 -17.24
C5 MPD I . -5.96 -3.95 -16.28
S SO4 J . -19.02 -27.76 16.12
O1 SO4 J . -19.28 -26.31 16.16
O2 SO4 J . -17.61 -28.00 15.78
O3 SO4 J . -19.90 -28.38 15.11
O4 SO4 J . -19.31 -28.35 17.45
S SO4 K . -24.41 3.86 7.97
O1 SO4 K . -23.43 2.95 7.35
O2 SO4 K . -23.75 5.13 8.33
O3 SO4 K . -24.96 3.23 9.20
O4 SO4 K . -25.51 4.12 7.03
S SO4 L . -11.05 -4.76 14.48
O1 SO4 L . -10.52 -4.49 15.83
O2 SO4 L . -10.07 -5.55 13.70
O3 SO4 L . -11.32 -3.48 13.79
O4 SO4 L . -12.31 -5.52 14.58
NA NA M . 6.30 20.46 -3.08
C1 TEP N . -0.56 16.81 -1.18
N1 TEP N . -1.12 16.08 -0.02
C2 TEP N . -0.26 15.32 0.78
O2 TEP N . 0.95 15.25 0.51
N3 TEP N . -0.77 14.65 1.90
C3 TEP N . 0.15 13.85 2.74
C4 TEP N . -2.13 14.73 2.20
C5 TEP N . -2.98 15.48 1.40
C6 TEP N . -2.48 16.15 0.29
O6 TEP N . -3.24 16.81 -0.42
N7 TEP N . -4.20 15.39 1.92
C8 TEP N . -4.13 14.61 3.00
N9 TEP N . -2.87 14.22 3.18
C1 MPD O . -4.77 15.48 1.56
C2 MPD O . -4.18 15.25 2.95
O2 MPD O . -4.82 16.10 3.89
CM MPD O . -4.37 13.79 3.36
C3 MPD O . -2.69 15.59 2.95
C4 MPD O . -1.95 14.88 1.80
O4 MPD O . -2.34 15.47 0.56
C5 MPD O . -0.44 14.94 1.99
C1 MPD P . 30.00 13.34 -0.09
C2 MPD P . 29.83 14.34 1.05
O2 MPD P . 29.24 15.54 0.54
CM MPD P . 28.92 13.74 2.13
C3 MPD P . 31.19 14.68 1.65
C4 MPD P . 31.03 15.64 2.84
O4 MPD P . 32.31 15.83 3.45
C5 MPD P . 30.43 16.97 2.41
C1 MPD Q . 16.48 30.85 -20.04
C2 MPD Q . 17.68 31.79 -19.85
O2 MPD Q . 17.37 32.86 -18.95
CM MPD Q . 18.61 32.03 -21.03
C3 MPD Q . 18.58 30.92 -18.95
C4 MPD Q . 19.61 31.75 -18.20
O4 MPD Q . 20.25 32.68 -19.07
C5 MPD Q . 19.01 32.46 -16.98
C1 MPD R . 6.98 31.94 8.08
C2 MPD R . 6.17 32.96 7.29
O2 MPD R . 4.79 32.59 7.30
CM MPD R . 6.33 34.34 7.93
C3 MPD R . 6.64 32.99 5.83
C4 MPD R . 5.75 33.87 4.96
O4 MPD R . 4.38 33.46 5.10
C5 MPD R . 5.91 35.36 5.26
C1 MPD S . -4.90 19.84 9.34
C2 MPD S . -6.00 19.56 8.31
O2 MPD S . -7.24 20.07 8.80
CM MPD S . -5.65 20.24 6.98
C3 MPD S . -6.15 18.06 8.09
C4 MPD S . -4.89 17.46 7.48
O4 MPD S . -3.79 17.61 8.39
C5 MPD S . -5.10 15.98 7.13
C1 MPD T . 6.48 17.88 -13.03
C2 MPD T . 6.83 18.53 -11.69
O2 MPD T . 6.08 19.71 -11.45
CM MPD T . 8.28 18.43 -11.21
C3 MPD T . 6.14 17.56 -10.72
C4 MPD T . 5.98 18.15 -9.32
O4 MPD T . 7.22 18.66 -8.85
C5 MPD T . 4.89 19.22 -9.26
C1 MPD U . 21.89 8.43 -1.75
C2 MPD U . 22.68 8.43 -3.06
O2 MPD U . 22.52 7.19 -3.73
CM MPD U . 22.17 9.56 -3.95
C3 MPD U . 24.17 8.67 -2.77
C4 MPD U . 24.80 7.52 -1.98
O4 MPD U . 24.08 7.33 -0.76
C5 MPD U . 24.85 6.23 -2.78
C1 MPD V . 2.83 17.79 -20.02
C2 MPD V . 3.24 17.02 -18.77
O2 MPD V . 4.23 16.02 -19.05
CM MPD V . 2.19 16.74 -17.70
C3 MPD V . 4.12 18.06 -18.07
C4 MPD V . 4.77 17.54 -16.78
O4 MPD V . 3.79 17.21 -15.81
C5 MPD V . 5.69 16.35 -17.04
C1 MPD W . 8.66 16.72 -21.38
C2 MPD W . 7.85 18.02 -21.38
O2 MPD W . 7.74 18.52 -20.06
CM MPD W . 8.54 19.06 -22.27
C3 MPD W . 6.42 17.74 -21.87
C4 MPD W . 6.43 17.15 -23.29
O4 MPD W . 5.14 16.55 -23.54
C5 MPD W . 6.69 18.23 -24.34
S SO4 X . 12.92 7.51 20.49
O1 SO4 X . 13.29 7.64 19.07
O2 SO4 X . 14.13 7.61 21.32
O3 SO4 X . 11.98 8.59 20.85
O4 SO4 X . 12.28 6.20 20.71
S SO4 Y . 20.49 -1.58 -0.14
O1 SO4 Y . 20.72 -2.24 -1.44
O2 SO4 Y . 21.79 -1.34 0.50
O3 SO4 Y . 19.67 -2.46 0.71
O4 SO4 Y . 19.80 -0.31 -0.35
S SO4 Z . 16.06 -3.17 -5.30
O1 SO4 Z . 16.22 -3.86 -4.01
O2 SO4 Z . 17.35 -2.55 -5.69
O3 SO4 Z . 15.65 -4.14 -6.35
O4 SO4 Z . 15.02 -2.12 -5.17
S SO4 AA . 11.39 34.91 2.05
O1 SO4 AA . 11.23 35.89 3.15
O2 SO4 AA . 12.80 34.51 1.96
O3 SO4 AA . 10.55 33.73 2.32
O4 SO4 AA . 10.96 35.53 0.78
#